data_7QEZ
#
_entry.id   7QEZ
#
_cell.length_a   97.751
_cell.length_b   97.751
_cell.length_c   164.474
_cell.angle_alpha   90.000
_cell.angle_beta   90.000
_cell.angle_gamma   90.000
#
_symmetry.space_group_name_H-M   'P 41'
#
loop_
_entity.id
_entity.type
_entity.pdbx_description
1 polymer 'Spike protein S1'
2 polymer 'CR3022 heavy chain'
3 polymer 'CR3022 light chain'
4 polymer 'CV2.1169 IgA heavy chain'
5 polymer 'CV2.1169 light chain'
6 non-polymer 2-acetamido-2-deoxy-beta-D-glucopyranose
7 non-polymer 'SULFATE ION'
8 water water
#
loop_
_entity_poly.entity_id
_entity_poly.type
_entity_poly.pdbx_seq_one_letter_code
_entity_poly.pdbx_strand_id
1 'polypeptide(L)'
;NITNLCPFGEVFNATRFASVYAWNRKRISNCVADYSFLYNSASFSTFKCYGVSPTKLNDLCFTNVYADSFVIRGDEVRQI
APGQTGKIADYNYKLPDDFTGCVIAWNSNNLDSKVGGNYNYLYRLFRKSNLKPFERDISTEIYQAGSTPCNGVEGFNCYF
PLQSYGFQPTNGVGYQPYRVVVLSFELLHAPATVCGPKGSGDDDDK
;
A
2 'polypeptide(L)'
;QMQLVQSGTEVKKPGESLKISCKGSGYGFITYWIGWVRQMPGKGLEWMGIIYPGDSETRYSPSFQGQVTISADKSINTAY
LQWSSLKASDTAIYYCAGGSGISTPMDVWGQGTTVTVSSASTKGPSVFPLAPSSKSTSGGTAALGCLVKDYFPEPVTVSW
NSGALTSGVHTFPAVLQSSGLYSLSSVVTVPSSSLGTQTYICNVNHKPSNTKVDKKVEPKSCFEDDDDK
;
E
3 'polypeptide(L)'
;DIQLTQSPDSLAVSLGERATINCKSSQSVLYSSINKNYLAWYQQKPGQPPKLLIYWASTRESGVPDRFSGSGSGTDFTLT
ISSLQAEDVAVYYCQQYYSTPYTFGQGTKVEIKRTVAAPSVFIFPPSDEQLKSGTASVVCLLNNFYPREAKVQWKVDNAL
QSGNSQESVTEQDSKDSTYSLSSTLTLSKADYEKHKVYACEVTHQGLSSPVTKSFNRGECS
;
F
4 'polypeptide(L)'
;QVQLVQSGPEVKKPGTSVKVSCKASGFTFTTSAVQWVRQARGQRLEWIGWIVVGSGNTNYAQKFQERVTITRDMSTTTAY
MELSSLRSEDTAVYYCAAPYCSGGTCLDGFDIWGQGTMVTVSSASTTSPKVFPLSLCSTQPDGNVVIACLVQGFFPQEPL
SVTWSESGQGVTARNFPPSQDASGDLYTTSSQLTLPATQCLAGKSVTCHVKHYTNPSQDVTVPCP
;
H
5 'polypeptide(L)'
;EIVLTQSPGTLSLSPGERATLSCRASQSVSRSYLAWYQQKPGQAPRLLIYSASSRATGIPDRFSGSGSGTDFTLTISRLE
PEDFAVYYCQQYGSSPWTFGQGTKVEIKRTVAAPSVFIFPPSDEQLKSGTASVVCLLNNFYPREAKVQWKVDNALQSGNS
QESVTEQDSKDSTYSLSSTLTLSKADYEKHKVYACEVTHQGLSSPVTKSFNRGEC
;
L
#
loop_
_chem_comp.id
_chem_comp.type
_chem_comp.name
_chem_comp.formula
NAG D-saccharide, beta linking 2-acetamido-2-deoxy-beta-D-glucopyranose 'C8 H15 N O6'
SO4 non-polymer 'SULFATE ION' 'O4 S -2'
#
# COMPACT_ATOMS: atom_id res chain seq x y z
N THR A 3 29.89 21.73 23.08
CA THR A 3 30.30 21.24 21.76
C THR A 3 30.58 19.73 21.78
N ASN A 4 29.65 18.96 22.33
CA ASN A 4 29.76 17.51 22.36
C ASN A 4 28.89 16.93 21.25
N LEU A 5 29.51 16.21 20.33
CA LEU A 5 28.81 15.58 19.22
C LEU A 5 28.36 14.18 19.61
N CYS A 6 27.15 13.83 19.21
CA CYS A 6 26.61 12.52 19.57
C CYS A 6 27.40 11.42 18.84
N PRO A 7 27.65 10.28 19.50
CA PRO A 7 28.46 9.21 18.89
C PRO A 7 27.67 8.36 17.90
N PHE A 8 27.11 9.03 16.88
CA PHE A 8 26.43 8.28 15.82
C PHE A 8 27.42 7.56 14.92
N GLY A 9 28.65 8.09 14.81
CA GLY A 9 29.63 7.44 13.95
C GLY A 9 29.99 6.04 14.41
N GLU A 10 30.23 5.87 15.71
CA GLU A 10 30.63 4.58 16.25
C GLU A 10 29.61 3.47 16.02
N VAL A 11 28.42 3.81 15.51
CA VAL A 11 27.38 2.81 15.26
C VAL A 11 27.37 2.46 13.77
N PHE A 12 27.73 3.43 12.93
CA PHE A 12 27.62 3.25 11.48
C PHE A 12 28.89 2.65 10.87
N ASN A 13 30.03 3.35 10.99
CA ASN A 13 31.27 2.87 10.39
C ASN A 13 31.98 1.83 11.27
N ALA A 14 31.26 1.18 12.18
CA ALA A 14 31.88 0.18 13.04
C ALA A 14 32.35 -1.02 12.24
N THR A 15 33.50 -1.55 12.61
CA THR A 15 34.09 -2.66 11.87
C THR A 15 33.37 -3.98 12.10
N ARG A 16 32.63 -4.11 13.20
CA ARG A 16 31.95 -5.35 13.55
C ARG A 16 30.49 -5.08 13.88
N PHE A 17 29.60 -5.82 13.23
CA PHE A 17 28.17 -5.74 13.48
C PHE A 17 27.67 -7.05 14.06
N ALA A 18 26.62 -6.96 14.88
CA ALA A 18 26.07 -8.12 15.56
C ALA A 18 24.97 -8.76 14.71
N SER A 19 24.56 -9.96 15.13
CA SER A 19 23.48 -10.67 14.47
C SER A 19 22.14 -10.01 14.81
N VAL A 20 21.08 -10.50 14.18
CA VAL A 20 19.76 -9.91 14.39
C VAL A 20 19.10 -10.43 15.67
N TYR A 21 19.31 -11.71 16.02
CA TYR A 21 18.74 -12.22 17.25
C TYR A 21 19.40 -11.59 18.47
N ALA A 22 20.66 -11.17 18.34
CA ALA A 22 21.40 -10.50 19.40
C ALA A 22 21.84 -9.12 18.90
N TRP A 23 20.85 -8.28 18.60
CA TRP A 23 21.12 -6.97 18.04
C TRP A 23 21.73 -6.05 19.10
N ASN A 24 22.58 -5.14 18.64
CA ASN A 24 23.23 -4.19 19.55
C ASN A 24 22.40 -2.91 19.64
N ARG A 25 22.49 -2.24 20.79
CA ARG A 25 21.79 -0.98 21.00
C ARG A 25 22.69 -0.03 21.78
N LYS A 26 22.78 1.21 21.31
CA LYS A 26 23.50 2.27 22.00
C LYS A 26 22.56 3.44 22.26
N ARG A 27 22.54 3.92 23.49
CA ARG A 27 21.72 5.05 23.87
C ARG A 27 22.49 6.35 23.63
N ILE A 28 21.73 7.41 23.34
CA ILE A 28 22.29 8.72 23.04
C ILE A 28 21.69 9.71 24.03
N SER A 29 22.54 10.55 24.63
CA SER A 29 22.07 11.52 25.60
C SER A 29 23.13 12.59 25.82
N ASN A 30 22.66 13.82 26.05
CA ASN A 30 23.50 14.96 26.43
C ASN A 30 24.57 15.23 25.37
N CYS A 31 24.12 15.52 24.15
CA CYS A 31 25.05 15.79 23.05
C CYS A 31 24.29 16.49 21.93
N VAL A 32 25.06 16.99 20.97
CA VAL A 32 24.51 17.66 19.80
C VAL A 32 24.43 16.66 18.66
N ALA A 33 23.22 16.40 18.17
CA ALA A 33 22.97 15.39 17.15
C ALA A 33 22.87 16.09 15.80
N ASP A 34 23.97 16.10 15.05
CA ASP A 34 24.01 16.65 13.69
C ASP A 34 23.83 15.51 12.71
N TYR A 35 22.69 15.50 12.00
CA TYR A 35 22.33 14.41 11.10
C TYR A 35 22.75 14.65 9.67
N SER A 36 23.82 15.42 9.44
CA SER A 36 24.30 15.64 8.09
C SER A 36 24.93 14.40 7.48
N PHE A 37 25.42 13.47 8.32
CA PHE A 37 26.01 12.25 7.80
C PHE A 37 24.98 11.32 7.18
N LEU A 38 23.69 11.52 7.48
CA LEU A 38 22.65 10.70 6.88
C LEU A 38 22.52 10.96 5.38
N TYR A 39 23.07 12.06 4.88
CA TYR A 39 23.08 12.38 3.46
C TYR A 39 24.51 12.55 2.98
N ASN A 40 24.68 12.48 1.65
CA ASN A 40 25.96 12.62 0.96
C ASN A 40 27.11 11.93 1.69
N SER A 41 26.85 10.72 2.21
CA SER A 41 27.86 9.95 2.92
C SER A 41 27.68 8.48 2.58
N ALA A 42 28.67 7.91 1.89
CA ALA A 42 28.67 6.50 1.47
C ALA A 42 27.42 6.29 0.60
N SER A 43 26.67 5.21 0.79
CA SER A 43 25.47 4.97 0.00
C SER A 43 24.58 4.01 0.76
N PHE A 44 23.30 4.36 0.88
CA PHE A 44 22.32 3.57 1.61
C PHE A 44 21.33 2.94 0.65
N SER A 45 21.17 1.63 0.76
CA SER A 45 20.22 0.93 -0.11
C SER A 45 18.78 1.13 0.35
N THR A 46 18.56 1.27 1.66
CA THR A 46 17.23 1.44 2.22
C THR A 46 17.26 2.56 3.25
N PHE A 47 16.27 3.43 3.21
CA PHE A 47 16.18 4.56 4.13
C PHE A 47 14.69 4.84 4.30
N LYS A 48 14.08 4.24 5.33
CA LYS A 48 12.65 4.36 5.58
C LYS A 48 12.43 5.01 6.94
N CYS A 49 11.91 6.23 6.95
CA CYS A 49 11.62 6.95 8.18
C CYS A 49 10.11 6.93 8.43
N TYR A 50 9.75 6.70 9.70
CA TYR A 50 8.36 6.56 10.12
C TYR A 50 8.10 7.59 11.21
N GLY A 51 7.12 8.47 10.98
CA GLY A 51 6.73 9.45 11.96
C GLY A 51 7.54 10.74 11.98
N VAL A 52 8.86 10.63 11.83
CA VAL A 52 9.73 11.81 11.85
C VAL A 52 10.27 12.06 10.45
N SER A 53 10.45 13.33 10.14
CA SER A 53 11.10 13.75 8.92
C SER A 53 12.55 14.08 9.22
N PRO A 54 13.52 13.33 8.68
CA PRO A 54 14.93 13.61 9.03
C PRO A 54 15.39 14.99 8.61
N THR A 55 14.79 15.58 7.57
CA THR A 55 15.16 16.92 7.15
C THR A 55 14.96 17.93 8.27
N LYS A 56 14.02 17.66 9.18
CA LYS A 56 13.76 18.52 10.32
C LYS A 56 14.38 17.99 11.62
N LEU A 57 15.07 16.85 11.56
CA LEU A 57 15.68 16.30 12.77
C LEU A 57 16.74 17.22 13.33
N ASN A 58 17.36 18.06 12.49
CA ASN A 58 18.33 19.01 12.97
C ASN A 58 17.70 20.12 13.80
N ASP A 59 16.39 20.32 13.69
CA ASP A 59 15.68 21.38 14.41
C ASP A 59 14.74 20.81 15.45
N LEU A 60 15.15 19.73 16.12
CA LEU A 60 14.34 19.11 17.15
C LEU A 60 15.23 18.58 18.26
N CYS A 61 14.64 18.40 19.44
CA CYS A 61 15.31 17.82 20.58
C CYS A 61 14.45 16.71 21.17
N PHE A 62 15.08 15.59 21.52
CA PHE A 62 14.38 14.43 22.05
C PHE A 62 14.97 14.03 23.39
N THR A 63 14.16 13.32 24.18
CA THR A 63 14.60 12.85 25.50
C THR A 63 15.35 11.53 25.40
N ASN A 64 14.85 10.58 24.60
CA ASN A 64 15.49 9.29 24.41
C ASN A 64 15.81 9.10 22.93
N VAL A 65 17.04 8.70 22.64
CA VAL A 65 17.45 8.34 21.29
C VAL A 65 18.22 7.02 21.38
N TYR A 66 17.81 6.05 20.56
CA TYR A 66 18.42 4.73 20.58
C TYR A 66 18.85 4.35 19.18
N ALA A 67 20.09 3.89 19.04
CA ALA A 67 20.61 3.40 17.77
C ALA A 67 20.82 1.89 17.89
N ASP A 68 19.97 1.12 17.23
CA ASP A 68 20.09 -0.33 17.16
C ASP A 68 20.81 -0.71 15.88
N SER A 69 21.55 -1.80 15.94
CA SER A 69 22.39 -2.21 14.83
C SER A 69 22.44 -3.73 14.76
N PHE A 70 22.30 -4.26 13.54
CA PHE A 70 22.38 -5.69 13.32
C PHE A 70 22.64 -5.95 11.84
N VAL A 71 22.69 -7.23 11.48
CA VAL A 71 22.93 -7.68 10.12
C VAL A 71 21.86 -8.68 9.74
N ILE A 72 21.24 -8.47 8.58
CA ILE A 72 20.29 -9.44 8.04
C ILE A 72 20.61 -9.66 6.57
N ARG A 73 19.67 -10.22 5.82
CA ARG A 73 19.80 -10.31 4.38
C ARG A 73 18.78 -9.40 3.71
N GLY A 74 18.95 -9.22 2.40
CA GLY A 74 18.07 -8.32 1.66
C GLY A 74 16.62 -8.69 1.79
N ASP A 75 16.30 -9.98 1.61
CA ASP A 75 14.92 -10.46 1.69
C ASP A 75 14.23 -10.04 2.98
N GLU A 76 14.99 -9.69 4.02
CA GLU A 76 14.41 -9.37 5.32
C GLU A 76 14.49 -7.89 5.67
N VAL A 77 15.12 -7.06 4.84
CA VAL A 77 15.19 -5.63 5.17
C VAL A 77 13.81 -5.00 5.14
N ARG A 78 12.86 -5.57 4.40
CA ARG A 78 11.49 -5.08 4.42
C ARG A 78 10.77 -5.43 5.72
N GLN A 79 11.26 -6.44 6.45
CA GLN A 79 10.61 -6.85 7.69
C GLN A 79 10.95 -5.93 8.86
N ILE A 80 11.97 -5.08 8.72
CA ILE A 80 12.32 -4.13 9.75
C ILE A 80 11.43 -2.90 9.58
N ALA A 81 10.18 -3.02 10.01
CA ALA A 81 9.19 -1.97 9.83
C ALA A 81 8.01 -2.25 10.74
N PRO A 82 7.25 -1.23 11.12
CA PRO A 82 6.06 -1.47 11.95
C PRO A 82 4.99 -2.22 11.17
N GLY A 83 4.38 -3.20 11.82
CA GLY A 83 3.32 -3.97 11.22
C GLY A 83 3.78 -5.11 10.33
N GLN A 84 5.07 -5.46 10.36
CA GLN A 84 5.59 -6.54 9.56
C GLN A 84 5.49 -7.87 10.31
N THR A 85 5.35 -8.94 9.54
CA THR A 85 5.31 -10.30 10.07
C THR A 85 6.53 -11.08 9.58
N GLY A 86 6.58 -12.35 9.94
CA GLY A 86 7.68 -13.21 9.59
C GLY A 86 8.53 -13.57 10.81
N LYS A 87 9.54 -14.39 10.55
CA LYS A 87 10.41 -14.86 11.63
C LYS A 87 11.24 -13.71 12.21
N ILE A 88 11.71 -12.80 11.36
CA ILE A 88 12.55 -11.71 11.85
C ILE A 88 11.75 -10.76 12.73
N ALA A 89 10.54 -10.42 12.31
CA ALA A 89 9.71 -9.49 13.07
C ALA A 89 9.06 -10.11 14.28
N ASP A 90 9.08 -11.44 14.42
CA ASP A 90 8.44 -12.12 15.54
C ASP A 90 9.43 -12.65 16.56
N TYR A 91 10.53 -13.25 16.13
CA TYR A 91 11.45 -13.94 17.02
C TYR A 91 12.80 -13.25 17.12
N ASN A 92 13.02 -12.14 16.42
CA ASN A 92 14.33 -11.50 16.40
C ASN A 92 14.27 -10.02 16.77
N TYR A 93 13.55 -9.22 15.99
CA TYR A 93 13.53 -7.78 16.20
C TYR A 93 12.20 -7.23 15.71
N LYS A 94 11.40 -6.67 16.64
CA LYS A 94 10.09 -6.12 16.32
C LYS A 94 10.04 -4.63 16.66
N LEU A 95 9.45 -3.85 15.75
CA LEU A 95 9.19 -2.43 15.93
C LEU A 95 7.72 -2.20 16.26
N PRO A 96 7.41 -1.30 17.19
CA PRO A 96 6.01 -1.08 17.58
C PRO A 96 5.22 -0.42 16.47
N ASP A 97 3.89 -0.45 16.62
CA ASP A 97 3.01 0.10 15.60
C ASP A 97 3.17 1.61 15.50
N ASP A 98 3.30 2.29 16.64
CA ASP A 98 3.54 3.73 16.68
C ASP A 98 5.02 4.07 16.55
N PHE A 99 5.76 3.31 15.74
CA PHE A 99 7.19 3.55 15.60
C PHE A 99 7.45 4.95 15.06
N THR A 100 8.38 5.65 15.72
CA THR A 100 8.71 7.04 15.39
C THR A 100 10.24 7.14 15.30
N GLY A 101 10.79 6.78 14.15
CA GLY A 101 12.21 6.82 13.94
C GLY A 101 12.59 6.60 12.49
N CYS A 102 13.73 5.96 12.25
CA CYS A 102 14.19 5.68 10.90
C CYS A 102 14.91 4.34 10.87
N VAL A 103 14.90 3.71 9.71
CA VAL A 103 15.58 2.45 9.47
C VAL A 103 16.46 2.62 8.24
N ILE A 104 17.76 2.51 8.43
CA ILE A 104 18.74 2.65 7.35
C ILE A 104 19.40 1.30 7.15
N ALA A 105 19.71 0.98 5.89
CA ALA A 105 20.28 -0.33 5.58
C ALA A 105 21.17 -0.20 4.35
N TRP A 106 22.36 -0.81 4.42
CA TRP A 106 23.27 -0.78 3.29
C TRP A 106 23.89 -2.16 3.08
N ASN A 107 24.15 -2.47 1.82
CA ASN A 107 24.73 -3.76 1.46
C ASN A 107 26.16 -3.87 1.97
N SER A 108 26.45 -4.93 2.72
CA SER A 108 27.78 -5.18 3.26
C SER A 108 28.30 -6.53 2.79
N ASN A 109 28.14 -6.83 1.50
CA ASN A 109 28.61 -8.10 0.97
C ASN A 109 30.12 -8.17 0.90
N ASN A 110 30.81 -7.04 0.89
CA ASN A 110 32.26 -7.02 0.85
C ASN A 110 32.91 -7.18 2.22
N LEU A 111 32.13 -7.07 3.29
CA LEU A 111 32.65 -7.15 4.65
C LEU A 111 32.17 -8.37 5.42
N ASP A 112 30.92 -8.80 5.22
CA ASP A 112 30.33 -9.88 5.98
C ASP A 112 30.14 -11.14 5.14
N SER A 113 31.03 -11.38 4.17
CA SER A 113 30.95 -12.55 3.33
C SER A 113 32.36 -13.08 3.06
N LYS A 114 32.53 -14.39 3.24
CA LYS A 114 33.79 -15.06 2.96
C LYS A 114 33.57 -16.13 1.91
N VAL A 115 34.67 -16.52 1.24
CA VAL A 115 34.58 -17.52 0.19
C VAL A 115 34.11 -18.86 0.74
N GLY A 116 34.47 -19.17 1.98
CA GLY A 116 33.98 -20.37 2.62
C GLY A 116 32.63 -20.24 3.28
N GLY A 117 32.04 -19.04 3.26
CA GLY A 117 30.76 -18.83 3.89
C GLY A 117 30.87 -18.32 5.31
N ASN A 118 30.21 -17.20 5.60
CA ASN A 118 30.20 -16.63 6.94
C ASN A 118 29.03 -17.21 7.71
N TYR A 119 29.32 -17.96 8.78
CA TYR A 119 28.30 -18.57 9.61
C TYR A 119 28.28 -18.00 11.02
N ASN A 120 28.86 -16.82 11.21
CA ASN A 120 28.83 -16.16 12.51
C ASN A 120 27.56 -15.35 12.73
N TYR A 121 26.82 -15.05 11.68
CA TYR A 121 25.58 -14.29 11.77
C TYR A 121 24.40 -15.28 11.81
N LEU A 122 23.77 -15.38 12.97
CA LEU A 122 22.65 -16.29 13.19
C LEU A 122 21.37 -15.50 13.34
N TYR A 123 20.24 -16.21 13.25
CA TYR A 123 18.95 -15.61 13.49
C TYR A 123 18.05 -16.61 14.20
N ARG A 124 17.20 -16.12 15.09
CA ARG A 124 16.33 -17.00 15.84
C ARG A 124 15.29 -17.62 14.92
N LEU A 125 14.99 -18.90 15.15
CA LEU A 125 14.15 -19.69 14.26
C LEU A 125 12.84 -20.13 14.92
N PHE A 126 12.89 -20.54 16.18
CA PHE A 126 11.71 -20.95 16.93
C PHE A 126 11.61 -20.13 18.22
N ARG A 127 10.38 -19.93 18.68
CA ARG A 127 10.17 -19.27 19.95
C ARG A 127 8.76 -19.60 20.45
N LYS A 128 8.58 -19.50 21.76
CA LYS A 128 7.28 -19.83 22.35
C LYS A 128 6.21 -18.82 21.96
N SER A 129 6.55 -17.53 22.03
CA SER A 129 5.64 -16.46 21.68
C SER A 129 6.39 -15.40 20.90
N ASN A 130 5.64 -14.45 20.33
CA ASN A 130 6.26 -13.37 19.58
C ASN A 130 6.90 -12.36 20.53
N LEU A 131 7.99 -11.75 20.07
CA LEU A 131 8.66 -10.73 20.85
C LEU A 131 7.79 -9.48 20.98
N LYS A 132 7.90 -8.83 22.12
CA LYS A 132 7.29 -7.52 22.29
C LYS A 132 8.23 -6.44 21.73
N PRO A 133 7.70 -5.26 21.42
CA PRO A 133 8.54 -4.22 20.83
C PRO A 133 9.81 -3.94 21.64
N PHE A 134 10.95 -4.02 20.95
CA PHE A 134 12.26 -3.78 21.55
C PHE A 134 12.56 -4.78 22.68
N GLU A 135 12.44 -6.06 22.35
CA GLU A 135 12.76 -7.15 23.26
C GLU A 135 13.81 -8.04 22.62
N ARG A 136 14.89 -8.32 23.36
CA ARG A 136 15.98 -9.15 22.88
C ARG A 136 15.97 -10.49 23.59
N ASP A 137 16.14 -11.56 22.83
CA ASP A 137 16.19 -12.91 23.36
C ASP A 137 17.46 -13.60 22.85
N ILE A 138 18.27 -14.10 23.76
CA ILE A 138 19.54 -14.71 23.38
C ILE A 138 19.67 -16.10 24.00
N SER A 139 18.53 -16.71 24.32
CA SER A 139 18.56 -18.04 24.93
C SER A 139 18.94 -19.09 23.89
N THR A 140 19.76 -20.04 24.31
CA THR A 140 20.21 -21.14 23.46
C THR A 140 19.54 -22.45 23.84
N GLU A 141 18.52 -22.42 24.70
CA GLU A 141 17.79 -23.63 25.05
C GLU A 141 17.18 -24.27 23.81
N ILE A 142 17.28 -25.60 23.73
CA ILE A 142 16.65 -26.33 22.64
C ILE A 142 15.14 -26.08 22.69
N TYR A 143 14.57 -25.69 21.55
CA TYR A 143 13.14 -25.40 21.50
C TYR A 143 12.35 -26.67 21.72
N GLN A 144 11.71 -26.78 22.87
CA GLN A 144 10.85 -27.92 23.20
C GLN A 144 9.54 -27.74 22.41
N ALA A 145 9.49 -28.35 21.23
CA ALA A 145 8.34 -28.14 20.35
C ALA A 145 7.10 -28.86 20.89
N GLY A 146 7.27 -30.05 21.42
CA GLY A 146 6.18 -30.82 21.97
C GLY A 146 6.04 -30.64 23.47
N SER A 147 5.57 -31.69 24.14
CA SER A 147 5.45 -31.71 25.59
C SER A 147 6.50 -32.57 26.26
N THR A 148 7.27 -33.36 25.50
CA THR A 148 8.35 -34.15 26.09
C THR A 148 9.58 -33.27 26.30
N PRO A 149 10.24 -33.39 27.45
CA PRO A 149 11.37 -32.51 27.75
C PRO A 149 12.57 -32.84 26.88
N CYS A 150 13.16 -31.80 26.29
CA CYS A 150 14.39 -31.93 25.49
C CYS A 150 15.57 -31.74 26.44
N ASN A 151 16.11 -32.86 26.94
CA ASN A 151 17.20 -32.82 27.90
C ASN A 151 18.53 -32.57 27.17
N GLY A 152 18.63 -31.36 26.59
CA GLY A 152 19.84 -30.95 25.91
C GLY A 152 20.20 -31.72 24.67
N VAL A 153 19.31 -32.59 24.18
CA VAL A 153 19.56 -33.41 23.00
C VAL A 153 18.52 -33.05 21.95
N GLU A 154 18.97 -32.84 20.71
CA GLU A 154 18.08 -32.50 19.62
C GLU A 154 17.48 -33.75 18.99
N GLY A 155 16.39 -33.56 18.26
CA GLY A 155 15.68 -34.65 17.63
C GLY A 155 14.26 -34.29 17.27
N PHE A 156 13.34 -35.24 17.40
CA PHE A 156 11.94 -34.96 17.12
C PHE A 156 11.35 -34.04 18.18
N ASN A 157 10.75 -32.94 17.73
CA ASN A 157 10.21 -31.88 18.59
C ASN A 157 11.26 -31.27 19.50
N CYS A 158 12.54 -31.37 19.11
CA CYS A 158 13.66 -30.79 19.87
C CYS A 158 14.62 -30.17 18.84
N TYR A 159 14.40 -28.90 18.54
CA TYR A 159 15.14 -28.23 17.48
C TYR A 159 15.97 -27.08 18.05
N PHE A 160 17.14 -26.87 17.47
CA PHE A 160 17.99 -25.76 17.89
C PHE A 160 17.35 -24.44 17.45
N PRO A 161 17.30 -23.44 18.32
CA PRO A 161 16.53 -22.22 18.00
C PRO A 161 17.21 -21.26 17.05
N LEU A 162 18.51 -21.41 16.79
CA LEU A 162 19.26 -20.46 15.97
C LEU A 162 19.65 -21.11 14.67
N GLN A 163 19.41 -20.40 13.56
CA GLN A 163 19.78 -20.85 12.23
C GLN A 163 20.83 -19.91 11.65
N SER A 164 21.82 -20.47 10.98
CA SER A 164 22.89 -19.67 10.39
C SER A 164 22.46 -19.12 9.03
N TYR A 165 22.90 -17.90 8.75
CA TYR A 165 22.59 -17.28 7.47
C TYR A 165 23.41 -17.90 6.33
N GLY A 166 24.72 -18.01 6.53
CA GLY A 166 25.58 -18.55 5.50
C GLY A 166 25.77 -17.61 4.33
N PHE A 167 26.17 -16.37 4.62
CA PHE A 167 26.38 -15.39 3.57
C PHE A 167 27.58 -15.78 2.71
N GLN A 168 27.38 -15.80 1.40
CA GLN A 168 28.42 -16.12 0.44
C GLN A 168 28.51 -15.02 -0.61
N PRO A 169 29.71 -14.75 -1.13
CA PRO A 169 29.84 -13.64 -2.09
C PRO A 169 29.12 -13.87 -3.40
N THR A 170 28.97 -15.13 -3.83
CA THR A 170 28.27 -15.44 -5.06
C THR A 170 26.75 -15.47 -4.90
N ASN A 171 26.23 -15.22 -3.69
CA ASN A 171 24.80 -15.23 -3.48
C ASN A 171 24.14 -14.04 -4.18
N GLY A 172 22.85 -14.19 -4.45
CA GLY A 172 22.08 -13.10 -5.00
C GLY A 172 21.92 -11.96 -4.02
N VAL A 173 21.55 -10.79 -4.56
CA VAL A 173 21.43 -9.60 -3.74
C VAL A 173 20.39 -9.78 -2.64
N GLY A 174 19.40 -10.65 -2.87
CA GLY A 174 18.41 -10.95 -1.85
C GLY A 174 18.95 -11.77 -0.71
N TYR A 175 20.05 -12.50 -0.91
CA TYR A 175 20.67 -13.29 0.13
C TYR A 175 22.04 -12.76 0.54
N GLN A 176 22.35 -11.48 0.18
CA GLN A 176 23.60 -10.85 0.57
C GLN A 176 23.43 -10.13 1.91
N PRO A 177 24.52 -10.01 2.68
CA PRO A 177 24.39 -9.38 4.01
C PRO A 177 24.16 -7.88 3.89
N TYR A 178 23.13 -7.40 4.58
CA TYR A 178 22.83 -5.98 4.71
C TYR A 178 22.96 -5.58 6.17
N ARG A 179 23.68 -4.49 6.42
CA ARG A 179 23.80 -3.93 7.75
C ARG A 179 22.67 -2.92 7.95
N VAL A 180 21.97 -3.04 9.08
CA VAL A 180 20.78 -2.25 9.37
C VAL A 180 21.00 -1.51 10.68
N VAL A 181 20.73 -0.20 10.66
CA VAL A 181 20.77 0.66 11.83
C VAL A 181 19.43 1.35 11.97
N VAL A 182 18.80 1.21 13.13
CA VAL A 182 17.48 1.77 13.41
C VAL A 182 17.64 2.84 14.47
N LEU A 183 17.28 4.07 14.11
CA LEU A 183 17.24 5.19 15.05
C LEU A 183 15.83 5.32 15.60
N SER A 184 15.72 5.45 16.92
CA SER A 184 14.43 5.55 17.60
C SER A 184 14.44 6.81 18.46
N PHE A 185 13.44 7.65 18.26
CA PHE A 185 13.31 8.93 18.97
C PHE A 185 12.08 8.90 19.84
N GLU A 186 12.23 9.35 21.09
CA GLU A 186 11.13 9.39 22.04
C GLU A 186 11.19 10.68 22.82
N LEU A 187 10.08 11.41 22.86
CA LEU A 187 9.97 12.66 23.60
C LEU A 187 8.97 12.41 24.74
N LEU A 188 9.49 12.02 25.90
CA LEU A 188 8.68 11.65 27.04
C LEU A 188 8.67 12.80 28.07
N HIS A 189 8.08 12.51 29.23
CA HIS A 189 7.88 13.55 30.24
C HIS A 189 9.18 14.14 30.75
N ALA A 190 10.30 13.42 30.60
CA ALA A 190 11.59 13.93 31.01
C ALA A 190 12.01 15.08 30.11
N PRO A 191 12.91 15.94 30.59
CA PRO A 191 13.43 17.01 29.73
C PRO A 191 14.30 16.46 28.60
N ALA A 192 14.16 17.07 27.43
CA ALA A 192 14.88 16.61 26.25
C ALA A 192 16.34 17.06 26.31
N THR A 193 17.25 16.13 25.96
CA THR A 193 18.68 16.41 25.98
C THR A 193 19.37 16.12 24.65
N VAL A 194 18.81 15.27 23.81
CA VAL A 194 19.44 14.94 22.51
C VAL A 194 18.88 15.93 21.50
N CYS A 195 19.48 17.12 21.48
CA CYS A 195 19.08 18.17 20.56
C CYS A 195 19.95 18.15 19.31
N GLY A 196 19.46 18.82 18.28
CA GLY A 196 20.22 19.04 17.07
C GLY A 196 20.66 20.49 16.96
N PRO A 197 21.54 20.78 16.01
CA PRO A 197 21.99 22.17 15.81
C PRO A 197 20.85 23.10 15.45
N LYS A 198 20.39 23.90 16.41
CA LYS A 198 19.27 24.81 16.20
C LYS A 198 19.67 26.25 16.50
N GLN B 1 16.75 22.45 -1.85
CA GLN B 1 15.85 21.46 -1.26
C GLN B 1 15.35 20.47 -2.31
N MET B 2 14.14 19.96 -2.12
CA MET B 2 13.57 18.91 -2.95
C MET B 2 12.66 19.52 -4.01
N GLN B 3 12.73 18.97 -5.23
CA GLN B 3 11.88 19.44 -6.33
C GLN B 3 11.39 18.24 -7.14
N LEU B 4 10.11 18.25 -7.47
CA LEU B 4 9.49 17.20 -8.28
C LEU B 4 8.97 17.81 -9.57
N VAL B 5 9.32 17.20 -10.70
CA VAL B 5 8.86 17.64 -12.01
C VAL B 5 8.01 16.53 -12.63
N GLN B 6 6.85 16.89 -13.14
CA GLN B 6 5.92 15.93 -13.74
C GLN B 6 5.94 16.05 -15.26
N SER B 7 5.30 15.10 -15.91
CA SER B 7 5.28 15.04 -17.36
C SER B 7 4.31 16.08 -17.93
N GLY B 8 4.20 16.12 -19.25
CA GLY B 8 3.30 17.05 -19.90
C GLY B 8 1.86 16.59 -19.85
N THR B 9 0.97 17.47 -20.33
CA THR B 9 -0.45 17.14 -20.34
C THR B 9 -0.75 16.10 -21.41
N GLU B 10 -1.61 15.15 -21.09
CA GLU B 10 -1.96 14.06 -22.00
C GLU B 10 -3.42 14.15 -22.38
N VAL B 11 -3.69 13.92 -23.67
CA VAL B 11 -5.04 13.77 -24.20
C VAL B 11 -5.14 12.39 -24.82
N LYS B 12 -6.07 11.57 -24.33
CA LYS B 12 -6.20 10.19 -24.76
C LYS B 12 -7.67 9.85 -24.97
N LYS B 13 -7.91 8.71 -25.64
CA LYS B 13 -9.24 8.19 -25.91
C LYS B 13 -9.58 7.07 -24.94
N PRO B 14 -10.86 6.85 -24.66
CA PRO B 14 -11.25 5.76 -23.74
C PRO B 14 -10.82 4.41 -24.28
N GLY B 15 -10.02 3.70 -23.50
CA GLY B 15 -9.51 2.41 -23.87
C GLY B 15 -8.03 2.36 -24.22
N GLU B 16 -7.24 3.32 -23.76
CA GLU B 16 -5.81 3.34 -24.04
C GLU B 16 -5.04 3.49 -22.73
N SER B 17 -3.89 2.82 -22.65
CA SER B 17 -3.06 2.88 -21.46
C SER B 17 -2.41 4.26 -21.33
N LEU B 18 -1.91 4.54 -20.12
CA LEU B 18 -1.24 5.81 -19.87
C LEU B 18 -0.29 5.64 -18.69
N LYS B 19 0.84 6.34 -18.75
CA LYS B 19 1.86 6.25 -17.70
C LYS B 19 2.38 7.65 -17.41
N ILE B 20 1.90 8.24 -16.31
CA ILE B 20 2.37 9.54 -15.85
C ILE B 20 3.64 9.35 -15.03
N SER B 21 4.63 10.22 -15.25
CA SER B 21 5.91 10.14 -14.57
C SER B 21 6.09 11.32 -13.63
N CYS B 22 6.97 11.13 -12.65
CA CYS B 22 7.23 12.15 -11.62
C CYS B 22 8.69 11.97 -11.20
N LYS B 23 9.56 12.86 -11.68
CA LYS B 23 10.99 12.75 -11.45
C LYS B 23 11.44 13.72 -10.36
N GLY B 24 12.23 13.21 -9.43
CA GLY B 24 12.66 13.99 -8.27
C GLY B 24 14.13 14.38 -8.38
N SER B 25 14.43 15.59 -7.92
CA SER B 25 15.80 16.09 -7.88
C SER B 25 15.93 17.06 -6.71
N GLY B 26 16.92 16.83 -5.87
CA GLY B 26 17.13 17.68 -4.72
C GLY B 26 18.02 16.99 -3.70
N TYR B 27 17.92 17.46 -2.46
CA TYR B 27 18.77 16.98 -1.37
C TYR B 27 18.15 15.75 -0.72
N GLY B 28 18.85 14.63 -0.79
CA GLY B 28 18.44 13.41 -0.11
C GLY B 28 17.14 12.82 -0.61
N PHE B 29 17.09 12.44 -1.89
CA PHE B 29 15.89 11.84 -2.44
C PHE B 29 15.64 10.45 -1.87
N ILE B 30 16.65 9.80 -1.31
CA ILE B 30 16.50 8.42 -0.85
C ILE B 30 15.50 8.32 0.30
N THR B 31 15.19 9.42 0.98
CA THR B 31 14.27 9.38 2.10
C THR B 31 12.83 9.70 1.73
N TYR B 32 12.57 10.14 0.49
CA TYR B 32 11.26 10.64 0.12
C TYR B 32 10.34 9.53 -0.37
N TRP B 33 9.13 9.49 0.19
CA TRP B 33 8.03 8.70 -0.33
C TRP B 33 7.21 9.56 -1.28
N ILE B 34 6.94 9.05 -2.48
CA ILE B 34 6.22 9.80 -3.50
C ILE B 34 4.77 9.32 -3.52
N GLY B 35 3.83 10.25 -3.39
CA GLY B 35 2.42 9.92 -3.34
C GLY B 35 1.65 10.60 -4.45
N TRP B 36 0.71 9.88 -5.04
CA TRP B 36 -0.13 10.38 -6.12
C TRP B 36 -1.50 10.77 -5.55
N VAL B 37 -2.00 11.92 -6.01
CA VAL B 37 -3.28 12.47 -5.58
C VAL B 37 -4.00 13.03 -6.81
N ARG B 38 -5.32 12.90 -6.81
CA ARG B 38 -6.17 13.30 -7.93
C ARG B 38 -6.98 14.53 -7.56
N GLN B 39 -7.29 15.35 -8.58
CA GLN B 39 -8.19 16.49 -8.42
C GLN B 39 -9.00 16.60 -9.71
N MET B 40 -10.30 16.33 -9.62
CA MET B 40 -11.15 16.35 -10.80
C MET B 40 -11.59 17.78 -11.12
N PRO B 41 -12.03 18.04 -12.38
CA PRO B 41 -12.60 19.36 -12.70
C PRO B 41 -13.64 19.77 -11.67
N GLY B 42 -13.31 20.76 -10.83
CA GLY B 42 -14.01 20.99 -9.59
C GLY B 42 -13.03 21.08 -8.42
N LYS B 43 -13.53 20.74 -7.22
CA LYS B 43 -12.88 21.15 -5.98
C LYS B 43 -12.23 20.08 -5.11
N GLY B 44 -12.37 18.79 -5.42
CA GLY B 44 -11.91 17.75 -4.50
C GLY B 44 -10.45 17.32 -4.66
N LEU B 45 -9.79 17.10 -3.53
CA LEU B 45 -8.47 16.46 -3.50
C LEU B 45 -8.61 15.08 -2.88
N GLU B 46 -8.30 14.04 -3.63
CA GLU B 46 -8.48 12.66 -3.18
C GLU B 46 -7.15 11.93 -3.25
N TRP B 47 -6.68 11.43 -2.10
CA TRP B 47 -5.42 10.72 -2.02
C TRP B 47 -5.52 9.38 -2.75
N MET B 48 -4.69 9.20 -3.79
CA MET B 48 -4.70 7.96 -4.55
C MET B 48 -3.80 6.91 -3.91
N GLY B 49 -2.52 7.22 -3.75
CA GLY B 49 -1.63 6.21 -3.24
C GLY B 49 -0.27 6.80 -2.90
N ILE B 50 0.64 5.91 -2.47
CA ILE B 50 1.99 6.31 -2.11
C ILE B 50 2.92 5.14 -2.37
N ILE B 51 4.20 5.45 -2.59
CA ILE B 51 5.20 4.42 -2.86
C ILE B 51 6.56 4.94 -2.38
N TYR B 52 7.40 4.02 -1.89
CA TYR B 52 8.77 4.35 -1.55
C TYR B 52 9.69 3.84 -2.64
N PRO B 53 10.46 4.72 -3.30
CA PRO B 53 11.27 4.29 -4.46
C PRO B 53 12.48 3.43 -4.09
N GLY B 54 12.82 3.31 -2.81
CA GLY B 54 13.90 2.42 -2.41
C GLY B 54 13.65 0.98 -2.79
N ASP B 55 12.64 0.37 -2.18
CA ASP B 55 12.09 -0.87 -2.70
C ASP B 55 10.86 -0.56 -3.52
N SER B 56 9.87 -1.44 -3.47
CA SER B 56 8.63 -1.22 -4.20
C SER B 56 7.43 -1.24 -3.26
N GLU B 57 7.61 -0.79 -2.02
CA GLU B 57 6.53 -0.77 -1.05
C GLU B 57 5.48 0.25 -1.48
N THR B 58 4.32 -0.23 -1.91
CA THR B 58 3.25 0.61 -2.42
C THR B 58 1.98 0.38 -1.61
N ARG B 59 1.31 1.48 -1.26
CA ARG B 59 0.04 1.44 -0.55
C ARG B 59 -1.00 2.21 -1.35
N TYR B 60 -2.14 1.58 -1.59
CA TYR B 60 -3.21 2.16 -2.38
C TYR B 60 -4.40 2.51 -1.51
N SER B 61 -5.11 3.56 -1.90
CA SER B 61 -6.38 3.87 -1.28
C SER B 61 -7.44 2.85 -1.72
N PRO B 62 -8.37 2.50 -0.83
CA PRO B 62 -9.37 1.48 -1.21
C PRO B 62 -10.22 1.88 -2.41
N SER B 63 -10.28 3.16 -2.76
CA SER B 63 -10.99 3.61 -3.94
C SER B 63 -10.16 3.53 -5.22
N PHE B 64 -8.86 3.25 -5.11
CA PHE B 64 -7.95 3.15 -6.24
C PHE B 64 -7.15 1.86 -6.18
N GLN B 65 -7.78 0.76 -5.75
CA GLN B 65 -7.04 -0.48 -5.52
C GLN B 65 -6.71 -1.18 -6.84
N GLY B 66 -7.73 -1.55 -7.62
CA GLY B 66 -7.53 -2.23 -8.87
C GLY B 66 -7.68 -1.39 -10.12
N GLN B 67 -7.75 -0.07 -9.99
CA GLN B 67 -7.93 0.82 -11.13
C GLN B 67 -6.63 1.40 -11.65
N VAL B 68 -5.67 1.69 -10.77
CA VAL B 68 -4.40 2.26 -11.15
C VAL B 68 -3.28 1.40 -10.59
N THR B 69 -2.09 1.55 -11.17
CA THR B 69 -0.89 0.91 -10.66
C THR B 69 0.17 1.97 -10.41
N ILE B 70 0.95 1.77 -9.35
CA ILE B 70 2.00 2.71 -8.96
C ILE B 70 3.33 1.99 -8.98
N SER B 71 4.28 2.50 -9.76
CA SER B 71 5.59 1.91 -9.92
C SER B 71 6.66 2.96 -9.62
N ALA B 72 7.92 2.52 -9.56
CA ALA B 72 9.01 3.45 -9.30
C ALA B 72 10.30 2.90 -9.91
N ASP B 73 11.09 3.81 -10.48
CA ASP B 73 12.44 3.52 -10.96
C ASP B 73 13.41 4.35 -10.13
N LYS B 74 14.21 3.66 -9.29
CA LYS B 74 15.15 4.34 -8.41
C LYS B 74 16.42 4.78 -9.14
N SER B 75 16.71 4.19 -10.31
CA SER B 75 17.92 4.55 -11.04
C SER B 75 17.87 6.00 -11.52
N ILE B 76 16.68 6.52 -11.80
CA ILE B 76 16.50 7.89 -12.27
C ILE B 76 15.62 8.70 -11.33
N ASN B 77 15.31 8.16 -10.15
CA ASN B 77 14.53 8.86 -9.13
C ASN B 77 13.16 9.29 -9.65
N THR B 78 12.40 8.30 -10.15
CA THR B 78 11.11 8.58 -10.77
C THR B 78 10.04 7.66 -10.20
N ALA B 79 8.82 8.19 -10.11
CA ALA B 79 7.63 7.42 -9.80
C ALA B 79 6.69 7.45 -11.00
N TYR B 80 5.82 6.45 -11.08
CA TYR B 80 4.95 6.28 -12.24
C TYR B 80 3.55 5.88 -11.77
N LEU B 81 2.54 6.46 -12.43
CA LEU B 81 1.14 6.12 -12.21
C LEU B 81 0.57 5.66 -13.55
N GLN B 82 0.08 4.42 -13.60
CA GLN B 82 -0.24 3.76 -14.86
C GLN B 82 -1.68 3.28 -14.87
N TRP B 83 -2.38 3.62 -15.95
CA TRP B 83 -3.70 3.11 -16.29
C TRP B 83 -3.59 2.18 -17.49
N SER B 84 -4.51 1.21 -17.57
CA SER B 84 -4.63 0.31 -18.70
C SER B 84 -6.07 0.40 -19.21
N SER B 85 -6.23 0.96 -20.41
CA SER B 85 -7.55 1.14 -21.04
C SER B 85 -8.50 1.91 -20.12
N LEU B 86 -8.07 3.12 -19.76
CA LEU B 86 -8.78 3.96 -18.81
C LEU B 86 -10.13 4.39 -19.37
N LYS B 87 -10.92 5.01 -18.50
CA LYS B 87 -12.27 5.47 -18.81
C LYS B 87 -12.31 6.98 -18.91
N ALA B 88 -13.49 7.48 -19.31
CA ALA B 88 -13.69 8.92 -19.45
C ALA B 88 -13.88 9.61 -18.11
N SER B 89 -13.94 8.87 -17.02
CA SER B 89 -14.06 9.46 -15.68
C SER B 89 -12.70 9.81 -15.07
N ASP B 90 -11.61 9.65 -15.82
CA ASP B 90 -10.27 9.90 -15.32
C ASP B 90 -9.75 11.28 -15.70
N THR B 91 -10.52 12.06 -16.45
CA THR B 91 -10.10 13.40 -16.83
C THR B 91 -9.97 14.26 -15.59
N ALA B 92 -8.74 14.60 -15.24
CA ALA B 92 -8.46 15.35 -14.01
C ALA B 92 -7.00 15.74 -14.01
N ILE B 93 -6.60 16.49 -12.97
CA ILE B 93 -5.21 16.85 -12.78
C ILE B 93 -4.64 15.98 -11.66
N TYR B 94 -3.49 15.36 -11.92
CA TYR B 94 -2.86 14.44 -10.99
C TYR B 94 -1.56 15.05 -10.48
N TYR B 95 -1.44 15.16 -9.17
CA TYR B 95 -0.24 15.67 -8.53
C TYR B 95 0.55 14.53 -7.89
N CYS B 96 1.87 14.69 -7.85
CA CYS B 96 2.74 13.85 -7.04
C CYS B 96 3.40 14.72 -5.98
N ALA B 97 3.33 14.27 -4.73
CA ALA B 97 3.86 15.00 -3.59
C ALA B 97 4.85 14.12 -2.84
N GLY B 98 5.95 14.73 -2.40
CA GLY B 98 7.01 14.00 -1.71
C GLY B 98 6.96 14.24 -0.21
N GLY B 99 7.24 13.18 0.56
CA GLY B 99 7.32 13.29 1.99
C GLY B 99 8.53 12.55 2.53
N SER B 100 9.39 13.25 3.30
CA SER B 100 10.62 12.65 3.79
C SER B 100 10.39 11.43 4.67
N GLY B 101 9.15 11.17 5.06
CA GLY B 101 8.82 9.95 5.76
C GLY B 101 7.44 9.48 5.33
N ILE B 102 7.08 8.28 5.77
CA ILE B 102 5.78 7.74 5.39
C ILE B 102 4.66 8.48 6.11
N SER B 103 4.75 8.59 7.44
CA SER B 103 3.77 9.34 8.22
C SER B 103 4.13 10.82 8.33
N THR B 104 4.81 11.37 7.34
CA THR B 104 5.25 12.75 7.20
C THR B 104 4.35 13.49 6.23
N PRO B 105 3.94 14.72 6.56
CA PRO B 105 3.12 15.50 5.63
C PRO B 105 3.85 15.73 4.31
N MET B 106 3.06 15.88 3.25
CA MET B 106 3.59 16.11 1.92
C MET B 106 4.23 17.48 1.86
N ASP B 107 5.56 17.51 1.89
CA ASP B 107 6.30 18.76 1.93
C ASP B 107 6.43 19.39 0.55
N VAL B 108 6.89 18.61 -0.43
CA VAL B 108 7.17 19.10 -1.77
C VAL B 108 6.12 18.55 -2.72
N TRP B 109 5.57 19.42 -3.56
CA TRP B 109 4.54 19.07 -4.51
C TRP B 109 5.03 19.28 -5.93
N GLY B 110 4.46 18.50 -6.86
CA GLY B 110 4.77 18.64 -8.26
C GLY B 110 3.87 19.65 -8.94
N GLN B 111 4.07 19.80 -10.25
CA GLN B 111 3.29 20.75 -11.04
C GLN B 111 1.92 20.20 -11.42
N GLY B 112 1.76 18.88 -11.40
CA GLY B 112 0.49 18.27 -11.78
C GLY B 112 0.35 18.10 -13.28
N THR B 113 -0.15 16.93 -13.70
CA THR B 113 -0.39 16.66 -15.11
C THR B 113 -1.89 16.62 -15.37
N THR B 114 -2.31 17.24 -16.46
CA THR B 114 -3.71 17.25 -16.87
C THR B 114 -3.96 16.10 -17.83
N VAL B 115 -4.85 15.19 -17.46
CA VAL B 115 -5.25 14.06 -18.29
C VAL B 115 -6.66 14.31 -18.78
N THR B 116 -6.81 14.43 -20.09
CA THR B 116 -8.10 14.65 -20.73
C THR B 116 -8.46 13.42 -21.55
N VAL B 117 -9.55 12.75 -21.18
CA VAL B 117 -9.99 11.50 -21.78
C VAL B 117 -11.35 11.75 -22.42
N SER B 118 -11.39 11.78 -23.75
CA SER B 118 -12.63 11.99 -24.46
C SER B 118 -12.63 11.17 -25.74
N SER B 119 -13.79 10.64 -26.11
CA SER B 119 -13.95 9.95 -27.39
C SER B 119 -13.88 10.89 -28.58
N ALA B 120 -13.81 12.20 -28.34
CA ALA B 120 -13.71 13.19 -29.41
C ALA B 120 -12.28 13.26 -29.94
N SER B 121 -12.12 14.04 -31.01
CA SER B 121 -10.83 14.23 -31.66
C SER B 121 -10.52 15.72 -31.74
N THR B 122 -9.29 16.03 -32.14
CA THR B 122 -8.83 17.42 -32.20
C THR B 122 -9.63 18.19 -33.23
N LYS B 123 -10.24 19.30 -32.80
CA LYS B 123 -11.02 20.16 -33.68
C LYS B 123 -10.72 21.61 -33.36
N GLY B 124 -10.48 22.40 -34.39
CA GLY B 124 -10.22 23.81 -34.23
C GLY B 124 -11.45 24.57 -33.78
N PRO B 125 -11.23 25.72 -33.15
CA PRO B 125 -12.36 26.51 -32.63
C PRO B 125 -13.03 27.34 -33.70
N SER B 126 -14.26 27.76 -33.40
CA SER B 126 -15.00 28.70 -34.22
C SER B 126 -15.34 29.92 -33.36
N VAL B 127 -14.92 31.09 -33.79
CA VAL B 127 -15.13 32.32 -33.04
C VAL B 127 -16.31 33.07 -33.62
N PHE B 128 -17.10 33.70 -32.74
CA PHE B 128 -18.25 34.48 -33.16
C PHE B 128 -18.27 35.78 -32.37
N PRO B 129 -18.65 36.88 -33.00
CA PRO B 129 -18.65 38.17 -32.30
C PRO B 129 -19.84 38.30 -31.36
N LEU B 130 -19.66 39.16 -30.35
CA LEU B 130 -20.70 39.51 -29.38
C LEU B 130 -20.68 41.03 -29.31
N ALA B 131 -21.55 41.68 -30.11
CA ALA B 131 -21.70 43.11 -30.35
C ALA B 131 -22.66 43.73 -29.34
N PRO B 132 -22.49 45.04 -29.03
CA PRO B 132 -23.38 45.73 -28.09
C PRO B 132 -24.67 46.20 -28.76
N GLY B 140 -23.69 54.50 -20.66
CA GLY B 140 -22.37 55.02 -20.38
C GLY B 140 -21.29 53.94 -20.35
N THR B 141 -21.71 52.70 -20.62
CA THR B 141 -20.79 51.57 -20.64
C THR B 141 -21.42 50.44 -21.42
N ALA B 142 -20.69 49.91 -22.41
CA ALA B 142 -21.12 48.78 -23.21
C ALA B 142 -20.19 47.60 -23.02
N ALA B 143 -20.64 46.44 -23.46
CA ALA B 143 -19.90 45.19 -23.34
C ALA B 143 -19.69 44.59 -24.72
N LEU B 144 -18.45 44.22 -25.02
CA LEU B 144 -18.08 43.56 -26.26
C LEU B 144 -17.51 42.18 -25.92
N GLY B 145 -17.47 41.29 -26.91
CA GLY B 145 -16.87 40.01 -26.61
C GLY B 145 -16.76 39.09 -27.81
N CYS B 146 -16.17 37.93 -27.54
CA CYS B 146 -16.08 36.84 -28.50
C CYS B 146 -16.53 35.54 -27.84
N LEU B 147 -17.09 34.66 -28.65
CA LEU B 147 -17.53 33.32 -28.22
C LEU B 147 -16.73 32.30 -29.03
N VAL B 148 -15.89 31.54 -28.33
CA VAL B 148 -15.05 30.51 -28.94
C VAL B 148 -15.72 29.17 -28.67
N LYS B 149 -16.30 28.58 -29.71
CA LYS B 149 -17.16 27.42 -29.58
C LYS B 149 -16.59 26.24 -30.36
N ASP B 150 -16.85 25.03 -29.85
CA ASP B 150 -16.66 23.78 -30.59
C ASP B 150 -15.18 23.50 -30.86
N TYR B 151 -14.37 23.53 -29.80
CA TYR B 151 -12.96 23.23 -29.90
C TYR B 151 -12.60 22.10 -28.94
N PHE B 152 -11.53 21.38 -29.29
CA PHE B 152 -11.01 20.30 -28.46
C PHE B 152 -9.59 20.02 -28.89
N PRO B 153 -8.66 19.78 -27.95
CA PRO B 153 -8.89 19.85 -26.51
C PRO B 153 -8.52 21.21 -25.91
N GLU B 154 -8.57 21.32 -24.58
CA GLU B 154 -8.14 22.52 -23.90
C GLU B 154 -6.61 22.63 -23.97
N PRO B 155 -6.07 23.85 -23.85
CA PRO B 155 -6.76 25.12 -23.69
C PRO B 155 -6.67 26.03 -24.91
N VAL B 156 -7.24 27.22 -24.80
CA VAL B 156 -7.12 28.26 -25.82
C VAL B 156 -6.68 29.55 -25.15
N THR B 157 -5.84 30.31 -25.84
CA THR B 157 -5.35 31.58 -25.33
C THR B 157 -6.08 32.71 -26.04
N VAL B 158 -6.85 33.50 -25.29
CA VAL B 158 -7.66 34.57 -25.85
C VAL B 158 -7.14 35.90 -25.34
N SER B 159 -6.69 36.75 -26.25
CA SER B 159 -6.28 38.10 -25.92
C SER B 159 -7.09 39.10 -26.75
N TRP B 160 -6.96 40.37 -26.41
CA TRP B 160 -7.69 41.45 -27.08
C TRP B 160 -6.70 42.43 -27.67
N ASN B 161 -6.80 42.63 -28.99
CA ASN B 161 -5.90 43.53 -29.72
C ASN B 161 -4.44 43.16 -29.49
N SER B 162 -4.15 41.87 -29.61
CA SER B 162 -2.79 41.32 -29.45
C SER B 162 -2.19 41.64 -28.09
N GLY B 163 -3.02 41.94 -27.11
CA GLY B 163 -2.57 42.30 -25.78
C GLY B 163 -2.51 43.77 -25.49
N ALA B 164 -3.16 44.61 -26.29
CA ALA B 164 -3.13 46.05 -26.07
C ALA B 164 -3.87 46.43 -24.79
N LEU B 165 -5.14 46.06 -24.70
CA LEU B 165 -5.95 46.33 -23.51
C LEU B 165 -6.12 45.06 -22.69
N THR B 166 -6.04 45.20 -21.37
CA THR B 166 -6.28 44.09 -20.46
C THR B 166 -7.19 44.43 -19.28
N SER B 167 -7.29 45.68 -18.88
CA SER B 167 -8.20 46.05 -17.80
C SER B 167 -9.64 45.92 -18.26
N GLY B 168 -10.50 45.42 -17.36
CA GLY B 168 -11.89 45.20 -17.70
C GLY B 168 -12.15 43.98 -18.55
N VAL B 169 -11.13 43.16 -18.81
CA VAL B 169 -11.28 41.95 -19.61
C VAL B 169 -11.60 40.79 -18.68
N HIS B 170 -12.57 39.96 -19.08
CA HIS B 170 -12.96 38.77 -18.33
C HIS B 170 -13.03 37.61 -19.30
N THR B 171 -12.14 36.63 -19.14
CA THR B 171 -12.14 35.41 -19.94
C THR B 171 -12.66 34.28 -19.07
N PHE B 172 -13.87 33.81 -19.38
CA PHE B 172 -14.55 32.82 -18.56
C PHE B 172 -13.95 31.43 -18.76
N PRO B 173 -14.04 30.56 -17.75
CA PRO B 173 -13.55 29.19 -17.91
C PRO B 173 -14.34 28.44 -18.97
N ALA B 174 -13.70 27.43 -19.55
CA ALA B 174 -14.35 26.62 -20.56
C ALA B 174 -15.47 25.79 -19.94
N VAL B 175 -16.40 25.37 -20.79
CA VAL B 175 -17.49 24.49 -20.41
C VAL B 175 -17.58 23.37 -21.43
N LEU B 176 -17.77 22.15 -20.95
CA LEU B 176 -17.84 20.97 -21.81
C LEU B 176 -19.28 20.78 -22.29
N GLN B 177 -19.48 20.89 -23.60
CA GLN B 177 -20.80 20.79 -24.19
C GLN B 177 -21.26 19.34 -24.23
N SER B 178 -22.49 19.13 -24.71
CA SER B 178 -23.03 17.78 -24.80
C SER B 178 -22.36 16.99 -25.93
N SER B 179 -21.83 17.68 -26.94
CA SER B 179 -21.18 17.03 -28.06
C SER B 179 -19.74 16.64 -27.77
N GLY B 180 -19.25 16.89 -26.57
CA GLY B 180 -17.88 16.59 -26.22
C GLY B 180 -16.89 17.70 -26.51
N LEU B 181 -17.34 18.81 -27.11
CA LEU B 181 -16.49 19.93 -27.41
C LEU B 181 -16.62 21.01 -26.33
N TYR B 182 -15.73 21.99 -26.36
CA TYR B 182 -15.66 23.01 -25.34
C TYR B 182 -16.12 24.36 -25.87
N SER B 183 -16.63 25.19 -24.96
CA SER B 183 -17.10 26.53 -25.27
C SER B 183 -16.54 27.50 -24.24
N LEU B 184 -16.23 28.72 -24.71
CA LEU B 184 -15.61 29.73 -23.86
C LEU B 184 -16.08 31.10 -24.34
N SER B 185 -16.12 32.05 -23.42
CA SER B 185 -16.53 33.42 -23.74
C SER B 185 -15.53 34.39 -23.16
N SER B 186 -15.13 35.38 -23.96
CA SER B 186 -14.29 36.48 -23.49
C SER B 186 -15.05 37.78 -23.67
N VAL B 187 -15.09 38.61 -22.63
CA VAL B 187 -15.83 39.85 -22.65
C VAL B 187 -14.94 40.99 -22.17
N VAL B 188 -15.35 42.20 -22.51
CA VAL B 188 -14.62 43.41 -22.13
C VAL B 188 -15.61 44.57 -22.08
N THR B 189 -15.49 45.39 -21.04
CA THR B 189 -16.36 46.55 -20.87
C THR B 189 -15.65 47.81 -21.36
N VAL B 190 -16.37 48.64 -22.11
CA VAL B 190 -15.83 49.87 -22.67
C VAL B 190 -16.79 51.01 -22.33
N PRO B 191 -16.30 52.27 -22.36
CA PRO B 191 -17.17 53.41 -21.99
C PRO B 191 -18.30 53.68 -22.97
N SER B 192 -18.33 52.93 -24.07
CA SER B 192 -19.44 52.97 -25.02
C SER B 192 -19.52 54.32 -25.73
N SER B 193 -18.58 55.22 -25.43
CA SER B 193 -18.49 56.50 -26.13
C SER B 193 -17.44 56.50 -27.22
N SER B 194 -16.61 55.46 -27.32
CA SER B 194 -15.58 55.33 -28.33
C SER B 194 -15.70 53.99 -29.03
N LEU B 195 -16.94 53.54 -29.27
CA LEU B 195 -17.15 52.27 -29.96
C LEU B 195 -16.73 52.37 -31.42
N GLY B 196 -17.20 53.40 -32.11
CA GLY B 196 -16.79 53.61 -33.49
C GLY B 196 -15.42 54.24 -33.65
N THR B 197 -14.84 54.75 -32.58
CA THR B 197 -13.51 55.37 -32.63
C THR B 197 -12.40 54.36 -32.43
N GLN B 198 -12.61 53.36 -31.58
CA GLN B 198 -11.62 52.34 -31.29
C GLN B 198 -12.09 50.99 -31.81
N THR B 199 -11.18 50.26 -32.45
CA THR B 199 -11.46 48.94 -32.98
C THR B 199 -10.97 47.88 -31.99
N TYR B 200 -11.75 46.81 -31.87
CA TYR B 200 -11.45 45.72 -30.94
C TYR B 200 -11.44 44.41 -31.70
N ILE B 201 -10.37 43.63 -31.52
CA ILE B 201 -10.18 42.36 -32.21
C ILE B 201 -9.80 41.30 -31.19
N CYS B 202 -10.46 40.14 -31.27
CA CYS B 202 -10.11 38.99 -30.45
C CYS B 202 -9.03 38.18 -31.16
N ASN B 203 -7.94 37.89 -30.45
CA ASN B 203 -6.88 37.03 -30.95
C ASN B 203 -6.91 35.74 -30.14
N VAL B 204 -7.38 34.66 -30.74
CA VAL B 204 -7.48 33.36 -30.08
C VAL B 204 -6.46 32.42 -30.69
N ASN B 205 -5.88 31.58 -29.85
CA ASN B 205 -4.85 30.63 -30.25
C ASN B 205 -5.19 29.27 -29.67
N HIS B 206 -5.36 28.28 -30.54
CA HIS B 206 -5.59 26.89 -30.18
C HIS B 206 -4.43 26.09 -30.77
N LYS B 207 -3.36 25.97 -29.99
CA LYS B 207 -2.13 25.30 -30.41
C LYS B 207 -2.31 23.80 -30.65
N PRO B 208 -3.18 23.09 -29.90
CA PRO B 208 -3.43 21.67 -30.25
C PRO B 208 -3.80 21.46 -31.70
N SER B 209 -4.50 22.41 -32.33
CA SER B 209 -4.78 22.34 -33.75
C SER B 209 -3.97 23.35 -34.55
N ASN B 210 -3.06 24.07 -33.91
CA ASN B 210 -2.22 25.08 -34.56
C ASN B 210 -3.07 26.11 -35.30
N THR B 211 -4.07 26.63 -34.60
CA THR B 211 -5.01 27.59 -35.17
C THR B 211 -4.84 28.94 -34.49
N LYS B 212 -4.78 30.01 -35.29
CA LYS B 212 -4.63 31.36 -34.77
C LYS B 212 -5.65 32.24 -35.50
N VAL B 213 -6.68 32.67 -34.78
CA VAL B 213 -7.81 33.39 -35.38
C VAL B 213 -7.89 34.78 -34.78
N ASP B 214 -7.85 35.79 -35.63
CA ASP B 214 -8.04 37.19 -35.24
C ASP B 214 -9.34 37.67 -35.87
N LYS B 215 -10.33 37.98 -35.03
CA LYS B 215 -11.65 38.39 -35.49
C LYS B 215 -12.01 39.76 -34.92
N LYS B 216 -12.32 40.69 -35.80
CA LYS B 216 -12.78 42.01 -35.40
C LYS B 216 -14.26 41.98 -35.03
N VAL B 217 -14.62 42.67 -33.95
CA VAL B 217 -15.98 42.69 -33.44
C VAL B 217 -16.48 44.12 -33.53
N GLU B 218 -17.38 44.38 -34.50
CA GLU B 218 -17.97 45.70 -34.69
C GLU B 218 -19.37 45.75 -34.08
N PRO B 219 -19.79 46.93 -33.62
CA PRO B 219 -21.15 47.07 -33.09
C PRO B 219 -22.19 46.82 -34.16
N LYS B 220 -23.41 46.50 -33.71
CA LYS B 220 -24.50 46.22 -34.62
C LYS B 220 -24.94 47.47 -35.35
N SER B 221 -25.29 47.32 -36.63
CA SER B 221 -25.73 48.44 -37.45
C SER B 221 -27.14 48.89 -37.06
N ASP C 1 -10.14 3.50 8.28
CA ASP C 1 -10.33 4.78 7.59
C ASP C 1 -10.65 5.90 8.56
N ILE C 2 -9.95 7.03 8.40
CA ILE C 2 -10.18 8.23 9.20
C ILE C 2 -10.83 9.27 8.31
N GLN C 3 -11.88 9.92 8.82
CA GLN C 3 -12.64 10.89 8.04
C GLN C 3 -12.54 12.27 8.67
N LEU C 4 -12.33 13.27 7.82
CA LEU C 4 -12.23 14.67 8.23
C LEU C 4 -13.31 15.47 7.52
N THR C 5 -14.03 16.29 8.27
CA THR C 5 -15.03 17.20 7.73
C THR C 5 -14.70 18.61 8.19
N GLN C 6 -14.73 19.56 7.27
CA GLN C 6 -14.45 20.97 7.57
C GLN C 6 -15.77 21.70 7.80
N SER C 7 -15.92 22.28 8.99
CA SER C 7 -17.20 22.86 9.38
C SER C 7 -17.70 23.94 8.41
N PRO C 8 -16.90 24.95 8.02
CA PRO C 8 -17.42 25.94 7.08
C PRO C 8 -17.12 25.57 5.62
N ASP C 9 -18.19 25.37 4.84
CA ASP C 9 -18.00 25.09 3.41
C ASP C 9 -17.44 26.32 2.68
N SER C 10 -18.08 27.46 2.85
CA SER C 10 -17.60 28.73 2.32
C SER C 10 -17.39 29.71 3.47
N LEU C 11 -16.44 30.62 3.30
CA LEU C 11 -16.07 31.56 4.34
C LEU C 11 -15.84 32.92 3.71
N ALA C 12 -16.75 33.86 3.96
CA ALA C 12 -16.65 35.23 3.46
C ALA C 12 -16.16 36.11 4.60
N VAL C 13 -14.92 36.57 4.49
CA VAL C 13 -14.28 37.36 5.54
C VAL C 13 -13.75 38.65 4.93
N SER C 14 -14.03 39.77 5.58
CA SER C 14 -13.59 41.07 5.10
C SER C 14 -12.06 41.18 5.14
N LEU C 15 -11.55 42.19 4.46
CA LEU C 15 -10.11 42.39 4.39
C LEU C 15 -9.55 42.78 5.75
N GLY C 16 -8.53 42.07 6.19
CA GLY C 16 -7.90 42.36 7.47
C GLY C 16 -8.59 41.78 8.68
N GLU C 17 -9.58 40.91 8.49
CA GLU C 17 -10.30 40.29 9.59
C GLU C 17 -9.83 38.87 9.82
N ARG C 18 -10.32 38.26 10.90
CA ARG C 18 -9.92 36.92 11.29
C ARG C 18 -10.81 35.89 10.62
N ALA C 19 -10.19 34.85 10.07
CA ALA C 19 -10.91 33.77 9.40
C ALA C 19 -10.56 32.45 10.07
N THR C 20 -11.59 31.69 10.44
CA THR C 20 -11.41 30.43 11.17
C THR C 20 -12.00 29.28 10.37
N ILE C 21 -11.23 28.20 10.26
CA ILE C 21 -11.68 26.97 9.60
C ILE C 21 -11.51 25.82 10.58
N ASN C 22 -12.55 25.03 10.75
CA ASN C 22 -12.56 23.93 11.71
C ASN C 22 -12.45 22.59 10.98
N CYS C 23 -11.75 21.65 11.63
CA CYS C 23 -11.56 20.31 11.10
C CYS C 23 -11.80 19.31 12.23
N LYS C 24 -12.69 18.35 11.99
CA LYS C 24 -13.10 17.40 13.01
C LYS C 24 -12.81 15.99 12.50
N SER C 25 -11.92 15.28 13.19
CA SER C 25 -11.52 13.94 12.81
C SER C 25 -12.42 12.91 13.48
N SER C 26 -12.58 11.76 12.81
CA SER C 26 -13.35 10.67 13.39
C SER C 26 -12.55 9.87 14.41
N GLN C 27 -11.23 10.00 14.41
CA GLN C 27 -10.36 9.30 15.34
C GLN C 27 -9.30 10.27 15.88
N SER C 28 -8.60 9.83 16.92
CA SER C 28 -7.49 10.61 17.45
C SER C 28 -6.25 10.39 16.59
N VAL C 29 -5.51 11.48 16.34
CA VAL C 29 -4.35 11.43 15.47
C VAL C 29 -3.09 11.79 16.26
N LEU C 30 -3.11 11.49 17.56
CA LEU C 30 -2.02 11.83 18.47
C LEU C 30 -1.09 10.62 18.62
N TYR C 31 0.20 10.86 18.48
CA TYR C 31 1.20 9.80 18.62
C TYR C 31 1.68 9.74 20.06
N SER C 32 1.71 8.53 20.63
CA SER C 32 2.18 8.35 21.99
C SER C 32 3.68 8.61 22.11
N SER C 33 4.43 8.40 21.02
CA SER C 33 5.89 8.49 21.10
C SER C 33 6.34 9.92 21.34
N ILE C 34 5.72 10.90 20.68
CA ILE C 34 6.17 12.28 20.74
C ILE C 34 5.06 13.25 21.14
N ASN C 35 3.84 12.78 21.33
CA ASN C 35 2.70 13.61 21.75
C ASN C 35 2.48 14.77 20.79
N LYS C 36 2.31 14.43 19.52
CA LYS C 36 2.07 15.39 18.46
C LYS C 36 0.87 14.93 17.63
N ASN C 37 0.01 15.87 17.27
CA ASN C 37 -1.16 15.57 16.44
C ASN C 37 -0.73 15.53 14.98
N TYR C 38 -0.97 14.38 14.33
CA TYR C 38 -0.51 14.17 12.96
C TYR C 38 -1.56 14.68 11.98
N LEU C 39 -1.66 16.01 11.92
CA LEU C 39 -2.60 16.69 11.03
C LEU C 39 -1.89 17.87 10.37
N ALA C 40 -2.17 18.07 9.09
CA ALA C 40 -1.58 19.16 8.32
C ALA C 40 -2.68 19.97 7.64
N TRP C 41 -2.39 21.25 7.42
CA TRP C 41 -3.24 22.15 6.68
C TRP C 41 -2.51 22.59 5.41
N TYR C 42 -3.18 22.47 4.27
CA TYR C 42 -2.68 22.84 2.96
C TYR C 42 -3.52 23.98 2.39
N GLN C 43 -2.90 24.77 1.52
CA GLN C 43 -3.58 25.86 0.82
C GLN C 43 -3.28 25.75 -0.67
N GLN C 44 -4.32 25.88 -1.50
CA GLN C 44 -4.12 25.89 -2.94
C GLN C 44 -4.90 27.05 -3.55
N LYS C 45 -4.22 27.86 -4.34
CA LYS C 45 -4.79 28.93 -5.12
C LYS C 45 -5.19 28.43 -6.50
N PRO C 46 -6.14 29.09 -7.17
CA PRO C 46 -6.58 28.62 -8.49
C PRO C 46 -5.42 28.53 -9.48
N GLY C 47 -5.17 27.31 -9.96
CA GLY C 47 -4.15 27.06 -10.94
C GLY C 47 -2.84 26.53 -10.39
N GLN C 48 -2.60 26.68 -9.09
CA GLN C 48 -1.34 26.25 -8.49
C GLN C 48 -1.54 24.97 -7.69
N PRO C 49 -0.50 24.15 -7.55
CA PRO C 49 -0.58 22.99 -6.67
C PRO C 49 -0.73 23.42 -5.22
N PRO C 50 -1.26 22.57 -4.35
CA PRO C 50 -1.39 22.93 -2.94
C PRO C 50 -0.04 22.92 -2.24
N LYS C 51 0.24 23.96 -1.47
CA LYS C 51 1.45 24.04 -0.68
C LYS C 51 1.13 23.74 0.79
N LEU C 52 2.05 23.03 1.45
CA LEU C 52 1.87 22.67 2.86
C LEU C 52 1.92 23.92 3.72
N LEU C 53 0.77 24.36 4.19
CA LEU C 53 0.71 25.56 5.02
C LEU C 53 1.32 25.30 6.40
N ILE C 54 0.71 24.38 7.17
CA ILE C 54 1.23 24.03 8.49
C ILE C 54 1.15 22.52 8.67
N TYR C 55 1.98 22.02 9.58
CA TYR C 55 2.02 20.60 9.89
C TYR C 55 2.04 20.41 11.40
N TRP C 56 1.78 19.16 11.83
CA TRP C 56 1.69 18.81 13.25
C TRP C 56 0.64 19.65 13.98
N ALA C 57 -0.41 20.05 13.25
CA ALA C 57 -1.57 20.77 13.78
C ALA C 57 -1.22 22.14 14.35
N SER C 58 0.06 22.46 14.50
CA SER C 58 0.44 23.72 15.12
C SER C 58 1.70 24.31 14.49
N THR C 59 2.63 23.46 14.07
CA THR C 59 3.92 23.95 13.60
C THR C 59 3.79 24.56 12.20
N ARG C 60 4.31 25.77 12.04
CA ARG C 60 4.29 26.46 10.76
C ARG C 60 5.42 25.98 9.87
N GLU C 61 5.17 26.00 8.56
CA GLU C 61 6.18 25.60 7.59
C GLU C 61 7.29 26.65 7.55
N SER C 62 8.42 26.28 6.95
CA SER C 62 9.54 27.21 6.83
C SER C 62 9.13 28.48 6.09
N GLY C 63 8.24 28.35 5.11
CA GLY C 63 7.84 29.50 4.32
C GLY C 63 6.35 29.80 4.41
N VAL C 64 5.91 30.31 5.56
CA VAL C 64 4.55 30.79 5.74
C VAL C 64 4.59 32.02 6.63
N PRO C 65 3.71 33.00 6.43
CA PRO C 65 3.67 34.15 7.33
C PRO C 65 3.05 33.78 8.67
N ASP C 66 3.16 34.71 9.62
CA ASP C 66 2.72 34.45 10.99
C ASP C 66 1.20 34.51 11.14
N ARG C 67 0.47 35.01 10.15
CA ARG C 67 -0.98 35.08 10.28
C ARG C 67 -1.63 33.69 10.19
N PHE C 68 -1.00 32.75 9.51
CA PHE C 68 -1.52 31.38 9.44
C PHE C 68 -1.13 30.64 10.70
N SER C 69 -2.11 30.37 11.56
CA SER C 69 -1.88 29.69 12.83
C SER C 69 -2.73 28.43 12.90
N GLY C 70 -2.22 27.42 13.60
CA GLY C 70 -2.96 26.19 13.79
C GLY C 70 -3.02 25.77 15.24
N SER C 71 -4.22 25.40 15.70
CA SER C 71 -4.40 24.98 17.09
C SER C 71 -5.34 23.78 17.14
N GLY C 72 -5.47 23.20 18.32
CA GLY C 72 -6.35 22.08 18.51
C GLY C 72 -5.64 20.80 18.89
N SER C 73 -6.36 19.88 19.54
CA SER C 73 -5.81 18.60 19.93
C SER C 73 -6.92 17.57 19.98
N GLY C 74 -6.53 16.30 19.90
CA GLY C 74 -7.49 15.22 19.95
C GLY C 74 -8.20 14.99 18.64
N THR C 75 -9.37 15.60 18.49
CA THR C 75 -10.18 15.45 17.28
C THR C 75 -10.70 16.76 16.70
N ASP C 76 -10.53 17.89 17.40
CA ASP C 76 -10.97 19.19 16.92
C ASP C 76 -9.76 20.07 16.67
N PHE C 77 -9.65 20.63 15.46
CA PHE C 77 -8.51 21.46 15.10
C PHE C 77 -9.01 22.70 14.36
N THR C 78 -8.24 23.77 14.45
CA THR C 78 -8.62 25.05 13.87
C THR C 78 -7.44 25.68 13.14
N LEU C 79 -7.69 26.17 11.94
CA LEU C 79 -6.76 27.00 11.18
C LEU C 79 -7.28 28.42 11.20
N THR C 80 -6.46 29.36 11.66
CA THR C 80 -6.86 30.74 11.85
C THR C 80 -5.95 31.66 11.04
N ILE C 81 -6.55 32.56 10.28
CA ILE C 81 -5.84 33.61 9.55
C ILE C 81 -6.16 34.93 10.24
N SER C 82 -5.12 35.60 10.75
CA SER C 82 -5.34 36.80 11.54
C SER C 82 -5.73 37.98 10.65
N SER C 83 -4.85 38.38 9.75
CA SER C 83 -5.10 39.50 8.84
C SER C 83 -5.22 38.93 7.43
N LEU C 84 -6.45 38.67 7.01
CA LEU C 84 -6.69 38.09 5.69
C LEU C 84 -6.36 39.12 4.61
N GLN C 85 -5.41 38.78 3.74
CA GLN C 85 -4.99 39.65 2.66
C GLN C 85 -5.62 39.19 1.34
N ALA C 86 -5.30 39.91 0.27
CA ALA C 86 -5.77 39.51 -1.06
C ALA C 86 -5.07 38.27 -1.58
N GLU C 87 -3.93 37.89 -0.98
CA GLU C 87 -3.24 36.67 -1.38
C GLU C 87 -3.91 35.43 -0.80
N ASP C 88 -4.58 35.57 0.34
CA ASP C 88 -5.10 34.42 1.08
C ASP C 88 -6.33 33.79 0.44
N VAL C 89 -6.89 34.40 -0.60
CA VAL C 89 -8.07 33.83 -1.26
C VAL C 89 -7.65 32.53 -1.96
N ALA C 90 -8.08 31.41 -1.43
CA ALA C 90 -7.68 30.10 -1.92
C ALA C 90 -8.59 29.05 -1.27
N VAL C 91 -8.29 27.78 -1.49
CA VAL C 91 -9.01 26.67 -0.88
C VAL C 91 -8.07 26.01 0.12
N TYR C 92 -8.56 25.83 1.35
CA TYR C 92 -7.78 25.27 2.44
C TYR C 92 -8.29 23.87 2.76
N TYR C 93 -7.37 22.92 2.88
CA TYR C 93 -7.67 21.54 3.19
C TYR C 93 -6.97 21.13 4.48
N CYS C 94 -7.60 20.25 5.24
CA CYS C 94 -6.96 19.58 6.36
C CYS C 94 -6.84 18.09 6.03
N GLN C 95 -5.63 17.57 6.16
CA GLN C 95 -5.39 16.15 5.92
C GLN C 95 -4.72 15.54 7.14
N GLN C 96 -4.88 14.23 7.28
CA GLN C 96 -4.24 13.47 8.35
C GLN C 96 -3.20 12.55 7.74
N TYR C 97 -2.01 12.55 8.33
CA TYR C 97 -0.96 11.60 7.97
C TYR C 97 -0.66 10.65 9.13
N TYR C 98 -1.69 10.34 9.92
CA TYR C 98 -1.53 9.42 11.04
C TYR C 98 -1.39 7.97 10.56
N SER C 99 -2.24 7.57 9.62
CA SER C 99 -2.24 6.20 9.13
C SER C 99 -2.70 6.18 7.68
N THR C 100 -2.33 5.11 6.98
CA THR C 100 -2.76 4.94 5.60
C THR C 100 -4.12 4.24 5.57
N PRO C 101 -5.03 4.62 4.64
CA PRO C 101 -4.84 5.68 3.63
C PRO C 101 -5.02 7.08 4.19
N TYR C 102 -4.39 8.05 3.55
CA TYR C 102 -4.52 9.44 3.96
C TYR C 102 -5.85 10.01 3.48
N THR C 103 -6.37 10.97 4.24
CA THR C 103 -7.67 11.56 3.97
C THR C 103 -7.55 13.07 3.99
N PHE C 104 -8.06 13.73 2.96
CA PHE C 104 -8.14 15.17 2.93
C PHE C 104 -9.49 15.65 3.43
N GLY C 105 -9.56 16.93 3.79
CA GLY C 105 -10.80 17.53 4.21
C GLY C 105 -11.69 17.88 3.03
N GLN C 106 -12.85 18.44 3.35
CA GLN C 106 -13.83 18.80 2.32
C GLN C 106 -13.30 19.92 1.43
N GLY C 107 -12.64 20.91 2.02
CA GLY C 107 -12.20 22.07 1.29
C GLY C 107 -13.02 23.30 1.62
N THR C 108 -12.40 24.28 2.27
CA THR C 108 -13.07 25.51 2.64
C THR C 108 -12.60 26.63 1.70
N LYS C 109 -13.55 27.22 0.98
CA LYS C 109 -13.25 28.30 0.05
C LYS C 109 -13.40 29.63 0.77
N VAL C 110 -12.35 30.45 0.74
CA VAL C 110 -12.36 31.76 1.38
C VAL C 110 -12.42 32.83 0.32
N GLU C 111 -12.97 33.99 0.69
CA GLU C 111 -13.12 35.10 -0.23
C GLU C 111 -13.13 36.39 0.57
N ILE C 112 -12.77 37.48 -0.10
CA ILE C 112 -12.78 38.80 0.53
C ILE C 112 -14.21 39.32 0.56
N LYS C 113 -14.75 39.52 1.75
CA LYS C 113 -16.14 39.94 1.90
C LYS C 113 -16.26 41.39 1.46
N ARG C 114 -16.83 41.60 0.28
CA ARG C 114 -17.07 42.92 -0.27
C ARG C 114 -18.49 43.36 0.04
N THR C 115 -18.74 44.66 -0.08
CA THR C 115 -20.09 45.18 0.02
C THR C 115 -20.95 44.60 -1.11
N VAL C 116 -22.26 44.60 -0.89
CA VAL C 116 -23.18 44.04 -1.88
C VAL C 116 -23.08 44.86 -3.16
N ALA C 117 -22.76 44.20 -4.26
CA ALA C 117 -22.58 44.84 -5.56
C ALA C 117 -23.57 44.23 -6.55
N ALA C 118 -24.39 45.08 -7.15
CA ALA C 118 -25.34 44.63 -8.17
C ALA C 118 -24.62 44.37 -9.48
N PRO C 119 -25.05 43.37 -10.24
CA PRO C 119 -24.38 43.04 -11.50
C PRO C 119 -24.77 43.98 -12.61
N SER C 120 -23.85 44.14 -13.57
CA SER C 120 -24.16 44.79 -14.84
C SER C 120 -24.56 43.70 -15.83
N VAL C 121 -25.78 43.78 -16.35
CA VAL C 121 -26.36 42.72 -17.15
C VAL C 121 -26.37 43.13 -18.62
N PHE C 122 -25.85 42.26 -19.48
CA PHE C 122 -25.84 42.47 -20.91
C PHE C 122 -26.36 41.21 -21.60
N ILE C 123 -26.92 41.39 -22.81
CA ILE C 123 -27.38 40.27 -23.61
C ILE C 123 -26.82 40.41 -25.01
N PHE C 124 -26.44 39.27 -25.60
CA PHE C 124 -25.77 39.25 -26.90
C PHE C 124 -26.51 38.28 -27.81
N PRO C 125 -27.12 38.76 -28.90
CA PRO C 125 -27.82 37.88 -29.83
C PRO C 125 -26.84 37.08 -30.66
N PRO C 126 -27.30 35.99 -31.28
CA PRO C 126 -26.41 35.23 -32.17
C PRO C 126 -26.04 36.05 -33.40
N SER C 127 -24.75 36.03 -33.75
CA SER C 127 -24.29 36.75 -34.91
C SER C 127 -24.80 36.11 -36.18
N ASP C 128 -24.92 36.92 -37.25
CA ASP C 128 -25.36 36.40 -38.53
C ASP C 128 -24.37 35.40 -39.10
N GLU C 129 -23.12 35.41 -38.65
CA GLU C 129 -22.12 34.46 -39.11
C GLU C 129 -22.30 33.10 -38.44
N GLN C 130 -22.84 33.07 -37.23
CA GLN C 130 -23.06 31.81 -36.53
C GLN C 130 -24.28 31.07 -37.06
N LEU C 131 -25.27 31.80 -37.58
CA LEU C 131 -26.46 31.16 -38.12
C LEU C 131 -26.19 30.38 -39.39
N LYS C 132 -25.03 30.61 -40.03
CA LYS C 132 -24.69 29.84 -41.23
C LYS C 132 -24.43 28.38 -40.89
N SER C 133 -24.00 28.09 -39.65
CA SER C 133 -23.75 26.72 -39.23
C SER C 133 -25.00 26.00 -38.76
N GLY C 134 -26.14 26.69 -38.68
CA GLY C 134 -27.37 26.04 -38.26
C GLY C 134 -27.57 25.91 -36.78
N THR C 135 -26.84 26.69 -35.98
CA THR C 135 -26.97 26.63 -34.52
C THR C 135 -26.76 28.02 -33.96
N ALA C 136 -27.74 28.50 -33.21
CA ALA C 136 -27.67 29.81 -32.57
C ALA C 136 -27.30 29.65 -31.10
N SER C 137 -26.69 30.69 -30.54
CA SER C 137 -26.32 30.68 -29.13
C SER C 137 -26.37 32.12 -28.63
N VAL C 138 -27.32 32.40 -27.75
CA VAL C 138 -27.50 33.73 -27.18
C VAL C 138 -26.80 33.78 -25.83
N VAL C 139 -26.09 34.88 -25.57
CA VAL C 139 -25.23 34.98 -24.40
C VAL C 139 -25.79 36.01 -23.43
N CYS C 140 -25.60 35.76 -22.14
CA CYS C 140 -26.01 36.69 -21.09
C CYS C 140 -24.82 36.91 -20.15
N LEU C 141 -24.41 38.16 -19.99
CA LEU C 141 -23.22 38.52 -19.23
C LEU C 141 -23.61 39.25 -17.96
N LEU C 142 -23.12 38.76 -16.82
CA LEU C 142 -23.27 39.40 -15.53
C LEU C 142 -21.88 39.89 -15.09
N ASN C 143 -21.72 41.19 -14.92
CA ASN C 143 -20.41 41.78 -14.76
C ASN C 143 -20.28 42.41 -13.37
N ASN C 144 -19.25 41.99 -12.64
CA ASN C 144 -18.81 42.60 -11.38
C ASN C 144 -19.89 42.69 -10.31
N PHE C 145 -20.30 41.55 -9.79
CA PHE C 145 -21.32 41.49 -8.74
C PHE C 145 -20.77 40.81 -7.50
N TYR C 146 -21.49 40.99 -6.40
CA TYR C 146 -21.18 40.35 -5.13
C TYR C 146 -22.45 40.36 -4.29
N PRO C 147 -22.79 39.25 -3.61
CA PRO C 147 -22.06 37.99 -3.53
C PRO C 147 -22.10 37.15 -4.81
N ARG C 148 -21.48 35.97 -4.74
CA ARG C 148 -21.38 35.11 -5.92
C ARG C 148 -22.72 34.44 -6.24
N GLU C 149 -23.59 34.27 -5.26
CA GLU C 149 -24.86 33.59 -5.47
C GLU C 149 -25.79 34.47 -6.28
N ALA C 150 -26.02 34.10 -7.54
CA ALA C 150 -26.95 34.81 -8.42
C ALA C 150 -27.68 33.79 -9.28
N LYS C 151 -28.93 34.11 -9.64
CA LYS C 151 -29.79 33.21 -10.40
C LYS C 151 -30.06 33.80 -11.77
N VAL C 152 -29.87 33.00 -12.82
CA VAL C 152 -30.08 33.41 -14.20
C VAL C 152 -31.10 32.50 -14.83
N GLN C 153 -32.12 33.08 -15.47
CA GLN C 153 -33.16 32.35 -16.16
C GLN C 153 -33.30 32.87 -17.58
N TRP C 154 -33.57 31.97 -18.51
CA TRP C 154 -33.83 32.33 -19.90
C TRP C 154 -35.32 32.25 -20.19
N LYS C 155 -35.84 33.25 -20.90
CA LYS C 155 -37.23 33.28 -21.30
C LYS C 155 -37.32 33.52 -22.80
N VAL C 156 -37.95 32.61 -23.52
CA VAL C 156 -38.18 32.73 -24.95
C VAL C 156 -39.68 32.93 -25.14
N ASP C 157 -40.07 34.14 -25.55
CA ASP C 157 -41.47 34.54 -25.63
C ASP C 157 -42.17 34.31 -24.29
N ASN C 158 -41.52 34.77 -23.22
CA ASN C 158 -42.03 34.66 -21.85
C ASN C 158 -42.27 33.20 -21.45
N ALA C 159 -41.45 32.29 -21.97
CA ALA C 159 -41.50 30.88 -21.63
C ALA C 159 -40.17 30.47 -21.03
N LEU C 160 -40.19 30.00 -19.78
CA LEU C 160 -38.97 29.65 -19.09
C LEU C 160 -38.29 28.46 -19.75
N GLN C 161 -36.96 28.52 -19.84
CA GLN C 161 -36.15 27.51 -20.50
C GLN C 161 -35.29 26.79 -19.48
N SER C 162 -35.11 25.50 -19.68
CA SER C 162 -34.24 24.72 -18.81
C SER C 162 -33.73 23.51 -19.58
N GLY C 163 -32.51 23.07 -19.25
CA GLY C 163 -31.90 21.94 -19.87
C GLY C 163 -31.05 22.24 -21.09
N ASN C 164 -31.04 23.50 -21.55
CA ASN C 164 -30.26 23.90 -22.71
C ASN C 164 -29.46 25.17 -22.42
N SER C 165 -29.04 25.35 -21.17
CA SER C 165 -28.24 26.49 -20.75
C SER C 165 -26.95 26.01 -20.11
N GLN C 166 -25.91 26.84 -20.19
CA GLN C 166 -24.63 26.52 -19.57
C GLN C 166 -24.05 27.77 -18.93
N GLU C 167 -23.72 27.70 -17.65
CA GLU C 167 -23.18 28.82 -16.90
C GLU C 167 -21.70 28.62 -16.62
N SER C 168 -20.98 29.73 -16.49
CA SER C 168 -19.58 29.69 -16.09
C SER C 168 -19.24 31.01 -15.39
N VAL C 169 -18.63 30.91 -14.21
CA VAL C 169 -18.30 32.07 -13.40
C VAL C 169 -16.80 32.18 -13.30
N THR C 170 -16.31 33.40 -13.10
CA THR C 170 -14.90 33.67 -12.93
C THR C 170 -14.52 33.65 -11.45
N GLU C 171 -13.22 33.52 -11.20
CA GLU C 171 -12.71 33.66 -9.85
C GLU C 171 -12.86 35.10 -9.37
N GLN C 172 -12.77 35.28 -8.05
CA GLN C 172 -12.95 36.61 -7.47
C GLN C 172 -11.82 37.53 -7.92
N ASP C 173 -12.18 38.60 -8.62
CA ASP C 173 -11.21 39.59 -9.07
C ASP C 173 -10.61 40.29 -7.85
N SER C 174 -9.29 40.14 -7.66
CA SER C 174 -8.63 40.65 -6.47
C SER C 174 -8.67 42.17 -6.38
N LYS C 175 -9.02 42.87 -7.46
CA LYS C 175 -9.05 44.33 -7.41
C LYS C 175 -10.28 44.85 -6.67
N ASP C 176 -11.47 44.49 -7.15
CA ASP C 176 -12.71 44.96 -6.55
C ASP C 176 -13.46 43.86 -5.81
N SER C 177 -12.90 42.65 -5.73
CA SER C 177 -13.51 41.54 -4.99
C SER C 177 -14.91 41.21 -5.53
N THR C 178 -15.05 41.19 -6.84
CA THR C 178 -16.32 40.92 -7.50
C THR C 178 -16.20 39.69 -8.39
N TYR C 179 -17.35 39.22 -8.88
CA TYR C 179 -17.43 38.06 -9.75
C TYR C 179 -18.14 38.43 -11.05
N SER C 180 -17.88 37.65 -12.09
CA SER C 180 -18.54 37.79 -13.38
C SER C 180 -19.02 36.44 -13.85
N LEU C 181 -20.24 36.40 -14.38
CA LEU C 181 -20.88 35.16 -14.80
C LEU C 181 -21.35 35.29 -16.24
N SER C 182 -21.20 34.21 -17.01
CA SER C 182 -21.67 34.15 -18.39
C SER C 182 -22.54 32.92 -18.57
N SER C 183 -23.71 33.12 -19.17
CA SER C 183 -24.67 32.05 -19.41
C SER C 183 -24.98 31.97 -20.89
N THR C 184 -24.75 30.82 -21.49
CA THR C 184 -24.99 30.59 -22.91
C THR C 184 -26.21 29.71 -23.08
N LEU C 185 -27.15 30.15 -23.93
CA LEU C 185 -28.35 29.39 -24.28
C LEU C 185 -28.22 29.00 -25.74
N THR C 186 -28.08 27.70 -26.00
CA THR C 186 -27.89 27.18 -27.34
C THR C 186 -29.19 26.60 -27.90
N LEU C 187 -29.45 26.88 -29.17
CA LEU C 187 -30.66 26.42 -29.83
C LEU C 187 -30.31 26.07 -31.28
N SER C 188 -31.18 25.28 -31.90
CA SER C 188 -31.07 25.03 -33.33
C SER C 188 -31.57 26.24 -34.10
N LYS C 189 -30.97 26.47 -35.27
CA LYS C 189 -31.38 27.60 -36.10
C LYS C 189 -32.86 27.52 -36.44
N ALA C 190 -33.35 26.32 -36.74
CA ALA C 190 -34.77 26.14 -37.01
C ALA C 190 -35.61 26.49 -35.80
N ASP C 191 -35.23 25.99 -34.61
CA ASP C 191 -35.96 26.32 -33.40
C ASP C 191 -35.73 27.75 -32.93
N TYR C 192 -34.61 28.36 -33.33
CA TYR C 192 -34.35 29.75 -32.96
C TYR C 192 -35.18 30.72 -33.80
N GLU C 193 -35.34 30.42 -35.09
CA GLU C 193 -36.10 31.29 -35.98
C GLU C 193 -37.61 31.22 -35.74
N LYS C 194 -38.09 30.21 -35.02
CA LYS C 194 -39.51 30.08 -34.72
C LYS C 194 -39.95 30.97 -33.55
N HIS C 195 -39.08 31.83 -33.05
CA HIS C 195 -39.38 32.66 -31.91
C HIS C 195 -38.98 34.10 -32.20
N LYS C 196 -39.48 35.02 -31.37
CA LYS C 196 -39.34 36.44 -31.63
C LYS C 196 -38.49 37.16 -30.59
N VAL C 197 -38.84 37.04 -29.31
CA VAL C 197 -38.18 37.80 -28.26
C VAL C 197 -37.44 36.83 -27.34
N TYR C 198 -36.21 37.19 -26.98
CA TYR C 198 -35.38 36.41 -26.08
C TYR C 198 -34.94 37.30 -24.92
N ALA C 199 -35.04 36.78 -23.70
CA ALA C 199 -34.77 37.57 -22.51
C ALA C 199 -33.96 36.78 -21.51
N CYS C 200 -33.08 37.50 -20.81
CA CYS C 200 -32.28 36.97 -19.70
C CYS C 200 -32.72 37.70 -18.43
N GLU C 201 -33.22 36.95 -17.46
CA GLU C 201 -33.70 37.50 -16.20
C GLU C 201 -32.79 37.04 -15.07
N VAL C 202 -32.18 37.99 -14.38
CA VAL C 202 -31.26 37.69 -13.29
C VAL C 202 -31.85 38.22 -11.99
N THR C 203 -31.74 37.40 -10.94
CA THR C 203 -32.05 37.79 -9.57
C THR C 203 -30.78 37.65 -8.74
N HIS C 204 -30.60 38.59 -7.81
CA HIS C 204 -29.37 38.63 -7.03
C HIS C 204 -29.59 39.51 -5.81
N GLN C 205 -28.96 39.13 -4.70
CA GLN C 205 -29.00 39.97 -3.50
C GLN C 205 -28.42 41.34 -3.82
N GLY C 206 -29.25 42.37 -3.71
CA GLY C 206 -28.88 43.70 -4.12
C GLY C 206 -29.63 44.23 -5.33
N LEU C 207 -30.70 43.56 -5.74
CA LEU C 207 -31.54 44.00 -6.86
C LEU C 207 -32.94 44.27 -6.34
N SER C 208 -33.43 45.49 -6.55
CA SER C 208 -34.82 45.80 -6.20
C SER C 208 -35.78 45.02 -7.09
N SER C 209 -35.67 45.21 -8.41
CA SER C 209 -36.44 44.45 -9.38
C SER C 209 -35.52 43.52 -10.15
N PRO C 210 -35.84 42.23 -10.23
CA PRO C 210 -35.04 41.30 -11.04
C PRO C 210 -34.81 41.85 -12.45
N VAL C 211 -33.55 41.90 -12.85
CA VAL C 211 -33.17 42.60 -14.08
C VAL C 211 -33.44 41.70 -15.27
N THR C 212 -34.21 42.20 -16.23
CA THR C 212 -34.57 41.45 -17.43
C THR C 212 -34.06 42.20 -18.64
N LYS C 213 -33.03 41.67 -19.29
CA LYS C 213 -32.51 42.23 -20.53
C LYS C 213 -33.02 41.39 -21.69
N SER C 214 -33.77 42.02 -22.59
CA SER C 214 -34.44 41.30 -23.67
C SER C 214 -34.07 41.92 -25.01
N PHE C 215 -34.38 41.17 -26.08
CA PHE C 215 -34.21 41.68 -27.43
C PHE C 215 -35.12 40.88 -28.36
N ASN C 216 -35.69 41.58 -29.34
CA ASN C 216 -36.46 40.92 -30.39
C ASN C 216 -35.54 40.46 -31.51
N ARG C 217 -36.01 39.43 -32.23
CA ARG C 217 -35.22 38.87 -33.32
C ARG C 217 -35.12 39.81 -34.51
N GLY C 218 -35.98 40.82 -34.58
CA GLY C 218 -35.91 41.79 -35.66
C GLY C 218 -35.48 43.17 -35.21
N GLN D 1 -9.79 -28.36 8.39
CA GLN D 1 -9.94 -29.79 8.17
C GLN D 1 -8.76 -30.56 8.75
N VAL D 2 -7.60 -29.87 8.80
CA VAL D 2 -6.37 -30.41 9.39
C VAL D 2 -6.02 -31.74 8.73
N GLN D 3 -5.69 -31.71 7.45
CA GLN D 3 -5.32 -32.92 6.73
C GLN D 3 -3.99 -32.69 6.00
N LEU D 4 -3.56 -33.73 5.30
CA LEU D 4 -2.28 -33.76 4.60
C LEU D 4 -2.55 -34.34 3.21
N VAL D 5 -2.56 -33.50 2.19
CA VAL D 5 -2.89 -33.89 0.83
C VAL D 5 -1.60 -34.12 0.06
N GLN D 6 -1.43 -35.32 -0.48
CA GLN D 6 -0.29 -35.66 -1.31
C GLN D 6 -0.65 -35.46 -2.79
N SER D 7 0.32 -35.76 -3.66
CA SER D 7 0.12 -35.65 -5.09
C SER D 7 -0.45 -36.95 -5.66
N GLY D 8 -0.98 -36.86 -6.87
CA GLY D 8 -1.54 -38.01 -7.54
C GLY D 8 -0.48 -39.01 -7.94
N PRO D 9 -0.90 -40.22 -8.30
CA PRO D 9 0.08 -41.23 -8.73
C PRO D 9 0.65 -40.92 -10.10
N GLU D 10 1.93 -41.22 -10.28
CA GLU D 10 2.62 -41.00 -11.55
C GLU D 10 3.33 -42.28 -11.95
N VAL D 11 3.40 -42.51 -13.26
CA VAL D 11 4.10 -43.66 -13.83
C VAL D 11 5.37 -43.15 -14.50
N LYS D 12 6.50 -43.74 -14.12
CA LYS D 12 7.81 -43.28 -14.55
C LYS D 12 8.64 -44.46 -15.04
N LYS D 13 9.33 -44.27 -16.17
CA LYS D 13 10.22 -45.29 -16.67
C LYS D 13 11.43 -45.44 -15.74
N PRO D 14 12.09 -46.59 -15.76
CA PRO D 14 13.31 -46.74 -14.95
C PRO D 14 14.35 -45.69 -15.30
N GLY D 15 15.04 -45.19 -14.28
CA GLY D 15 16.10 -44.24 -14.47
C GLY D 15 15.70 -42.78 -14.43
N THR D 16 14.42 -42.48 -14.26
CA THR D 16 13.99 -41.10 -14.18
C THR D 16 13.72 -40.73 -12.71
N SER D 17 13.17 -39.55 -12.51
CA SER D 17 13.01 -38.99 -11.17
C SER D 17 11.55 -38.59 -10.95
N VAL D 18 11.10 -38.76 -9.71
CA VAL D 18 9.74 -38.39 -9.32
C VAL D 18 9.82 -37.47 -8.12
N LYS D 19 8.85 -36.57 -8.02
CA LYS D 19 8.76 -35.63 -6.90
C LYS D 19 7.35 -35.68 -6.33
N VAL D 20 7.20 -36.39 -5.21
CA VAL D 20 5.91 -36.49 -4.54
C VAL D 20 5.72 -35.25 -3.65
N SER D 21 4.57 -34.61 -3.80
CA SER D 21 4.23 -33.42 -3.03
C SER D 21 3.48 -33.80 -1.77
N CYS D 22 3.33 -32.82 -0.87
CA CYS D 22 2.73 -33.07 0.44
C CYS D 22 2.42 -31.71 1.06
N LYS D 23 1.14 -31.33 1.03
CA LYS D 23 0.68 -30.04 1.53
C LYS D 23 -0.18 -30.24 2.76
N ALA D 24 0.13 -29.51 3.82
CA ALA D 24 -0.61 -29.59 5.07
C ALA D 24 -1.64 -28.47 5.16
N SER D 25 -2.73 -28.74 5.87
CA SER D 25 -3.75 -27.73 6.07
C SER D 25 -4.44 -27.93 7.40
N GLY D 26 -4.82 -26.81 8.04
CA GLY D 26 -5.60 -26.82 9.25
C GLY D 26 -4.82 -26.61 10.53
N PHE D 27 -3.49 -26.79 10.50
CA PHE D 27 -2.69 -26.67 11.70
C PHE D 27 -1.44 -25.86 11.41
N THR D 28 -0.79 -25.40 12.49
CA THR D 28 0.43 -24.60 12.37
C THR D 28 1.55 -25.47 11.83
N PHE D 29 2.01 -25.17 10.62
CA PHE D 29 3.02 -25.96 9.93
C PHE D 29 4.44 -25.45 10.17
N THR D 30 4.60 -24.30 10.82
CA THR D 30 5.91 -23.67 10.93
C THR D 30 6.85 -24.46 11.83
N THR D 31 6.33 -25.04 12.92
CA THR D 31 7.14 -25.76 13.88
C THR D 31 6.98 -27.27 13.77
N SER D 32 6.22 -27.76 12.80
CA SER D 32 5.99 -29.19 12.66
C SER D 32 7.16 -29.84 11.91
N ALA D 33 7.04 -31.15 11.68
CA ALA D 33 8.02 -31.90 10.91
C ALA D 33 7.27 -32.85 9.99
N VAL D 34 7.96 -33.28 8.93
CA VAL D 34 7.35 -34.17 7.94
C VAL D 34 8.29 -35.34 7.72
N GLN D 35 7.77 -36.56 7.92
CA GLN D 35 8.52 -37.77 7.66
C GLN D 35 7.94 -38.49 6.45
N TRP D 36 8.82 -39.07 5.64
CA TRP D 36 8.45 -39.82 4.44
C TRP D 36 8.81 -41.28 4.64
N VAL D 37 7.86 -42.17 4.32
CA VAL D 37 8.03 -43.60 4.44
C VAL D 37 7.30 -44.28 3.29
N ARG D 38 7.95 -45.28 2.68
CA ARG D 38 7.36 -46.02 1.58
C ARG D 38 6.90 -47.40 2.04
N GLN D 39 5.99 -47.99 1.28
CA GLN D 39 5.44 -49.31 1.61
C GLN D 39 4.94 -49.97 0.33
N ALA D 40 5.46 -51.16 0.03
CA ALA D 40 4.95 -51.93 -1.09
C ALA D 40 3.60 -52.53 -0.75
N ARG D 41 2.93 -53.07 -1.77
CA ARG D 41 1.61 -53.67 -1.58
C ARG D 41 1.74 -54.96 -0.78
N GLY D 42 1.26 -54.95 0.45
CA GLY D 42 1.30 -56.12 1.30
C GLY D 42 2.63 -56.38 1.97
N GLN D 43 3.54 -55.41 1.98
CA GLN D 43 4.86 -55.57 2.57
C GLN D 43 5.00 -54.64 3.77
N ARG D 44 6.21 -54.59 4.32
CA ARG D 44 6.50 -53.82 5.52
C ARG D 44 6.63 -52.33 5.20
N LEU D 45 6.81 -51.54 6.25
CA LEU D 45 7.04 -50.10 6.10
C LEU D 45 8.54 -49.84 6.07
N GLU D 46 9.00 -49.17 5.02
CA GLU D 46 10.41 -48.83 4.84
C GLU D 46 10.57 -47.32 5.01
N TRP D 47 11.12 -46.91 6.14
CA TRP D 47 11.27 -45.49 6.45
C TRP D 47 12.29 -44.85 5.52
N ILE D 48 11.89 -43.74 4.88
CA ILE D 48 12.75 -43.06 3.92
C ILE D 48 13.54 -41.96 4.62
N GLY D 49 12.85 -41.03 5.26
CA GLY D 49 13.55 -39.95 5.93
C GLY D 49 12.59 -39.01 6.63
N TRP D 50 13.13 -37.87 7.05
CA TRP D 50 12.31 -36.86 7.73
C TRP D 50 13.00 -35.51 7.66
N ILE D 51 12.20 -34.46 7.81
CA ILE D 51 12.65 -33.08 7.69
C ILE D 51 11.92 -32.23 8.72
N VAL D 52 12.63 -31.22 9.24
CA VAL D 52 12.04 -30.20 10.09
C VAL D 52 11.64 -29.01 9.23
N VAL D 53 10.44 -28.50 9.44
CA VAL D 53 9.94 -27.42 8.59
C VAL D 53 10.67 -26.11 8.90
N GLY D 54 10.79 -25.79 10.19
CA GLY D 54 11.36 -24.50 10.56
C GLY D 54 12.81 -24.33 10.13
N SER D 55 13.58 -25.41 10.12
CA SER D 55 15.00 -25.34 9.81
C SER D 55 15.38 -25.92 8.46
N GLY D 56 14.64 -26.91 7.97
CA GLY D 56 15.02 -27.60 6.76
C GLY D 56 16.03 -28.72 6.97
N ASN D 57 16.42 -29.00 8.21
CA ASN D 57 17.35 -30.09 8.48
C ASN D 57 16.70 -31.43 8.13
N THR D 58 17.45 -32.27 7.43
CA THR D 58 16.94 -33.55 6.94
C THR D 58 17.77 -34.70 7.49
N ASN D 59 17.11 -35.84 7.66
CA ASN D 59 17.79 -37.09 8.00
C ASN D 59 17.17 -38.20 7.17
N TYR D 60 18.01 -38.90 6.41
CA TYR D 60 17.55 -39.96 5.51
C TYR D 60 18.00 -41.33 6.03
N ALA D 61 17.46 -42.37 5.42
CA ALA D 61 17.84 -43.73 5.77
C ALA D 61 19.18 -44.08 5.14
N GLN D 62 19.72 -45.22 5.55
CA GLN D 62 21.02 -45.64 5.04
C GLN D 62 20.96 -46.01 3.56
N LYS D 63 19.80 -46.50 3.09
CA LYS D 63 19.66 -46.97 1.72
C LYS D 63 19.20 -45.88 0.76
N PHE D 64 18.57 -44.82 1.25
CA PHE D 64 18.05 -43.75 0.39
C PHE D 64 18.91 -42.49 0.41
N GLN D 65 19.96 -42.46 1.21
CA GLN D 65 20.73 -41.23 1.40
C GLN D 65 21.34 -40.71 0.11
N GLU D 66 21.50 -41.56 -0.90
CA GLU D 66 22.12 -41.15 -2.16
C GLU D 66 21.12 -40.88 -3.27
N ARG D 67 19.85 -41.22 -3.08
CA ARG D 67 18.85 -41.10 -4.15
C ARG D 67 17.63 -40.29 -3.78
N VAL D 68 17.44 -39.93 -2.50
CA VAL D 68 16.26 -39.18 -2.08
C VAL D 68 16.68 -37.80 -1.62
N THR D 69 15.75 -36.84 -1.76
CA THR D 69 15.95 -35.48 -1.29
C THR D 69 14.63 -34.94 -0.79
N ILE D 70 14.60 -34.49 0.47
CA ILE D 70 13.39 -34.00 1.11
C ILE D 70 13.52 -32.50 1.34
N THR D 71 12.56 -31.74 0.83
CA THR D 71 12.55 -30.28 0.94
C THR D 71 11.17 -29.83 1.39
N ARG D 72 11.06 -28.55 1.72
CA ARG D 72 9.79 -27.98 2.13
C ARG D 72 9.71 -26.52 1.71
N ASP D 73 8.48 -26.01 1.65
CA ASP D 73 8.22 -24.61 1.35
C ASP D 73 7.20 -24.09 2.36
N MET D 74 7.61 -23.12 3.16
CA MET D 74 6.76 -22.60 4.23
C MET D 74 5.75 -21.59 3.73
N SER D 75 6.06 -20.90 2.62
CA SER D 75 5.12 -19.94 2.06
C SER D 75 3.83 -20.60 1.60
N THR D 76 3.91 -21.85 1.16
CA THR D 76 2.74 -22.63 0.78
C THR D 76 2.52 -23.84 1.68
N THR D 77 3.39 -24.06 2.67
CA THR D 77 3.30 -25.18 3.61
C THR D 77 3.18 -26.51 2.87
N THR D 78 4.15 -26.78 2.01
CA THR D 78 4.15 -27.96 1.17
C THR D 78 5.50 -28.65 1.23
N ALA D 79 5.50 -29.95 1.54
CA ALA D 79 6.71 -30.75 1.57
C ALA D 79 6.85 -31.54 0.28
N TYR D 80 8.10 -31.79 -0.12
CA TYR D 80 8.41 -32.47 -1.37
C TYR D 80 9.46 -33.55 -1.11
N MET D 81 9.29 -34.70 -1.75
CA MET D 81 10.23 -35.80 -1.68
C MET D 81 10.59 -36.21 -3.11
N GLU D 82 11.83 -35.98 -3.52
CA GLU D 82 12.29 -36.29 -4.86
C GLU D 82 13.19 -37.51 -4.82
N LEU D 83 12.79 -38.55 -5.55
CA LEU D 83 13.54 -39.80 -5.65
C LEU D 83 14.00 -39.96 -7.09
N SER D 84 15.30 -40.22 -7.28
CA SER D 84 15.90 -40.34 -8.59
C SER D 84 16.42 -41.75 -8.80
N SER D 85 16.69 -42.08 -10.07
CA SER D 85 17.20 -43.38 -10.49
C SER D 85 16.29 -44.52 -10.00
N LEU D 86 15.04 -44.44 -10.46
CA LEU D 86 14.00 -45.37 -10.02
C LEU D 86 14.28 -46.77 -10.56
N ARG D 87 14.56 -47.71 -9.67
CA ARG D 87 14.72 -49.10 -10.05
C ARG D 87 13.36 -49.80 -9.90
N SER D 88 13.35 -51.13 -10.00
CA SER D 88 12.09 -51.85 -9.97
C SER D 88 11.49 -51.92 -8.57
N GLU D 89 12.34 -51.91 -7.53
CA GLU D 89 11.86 -52.07 -6.17
C GLU D 89 11.23 -50.80 -5.60
N ASP D 90 11.43 -49.64 -6.24
CA ASP D 90 10.83 -48.41 -5.75
C ASP D 90 9.31 -48.39 -5.92
N THR D 91 8.75 -49.30 -6.71
CA THR D 91 7.31 -49.35 -6.91
C THR D 91 6.58 -49.60 -5.59
N ALA D 92 6.03 -48.55 -5.00
CA ALA D 92 5.36 -48.66 -3.71
C ALA D 92 4.51 -47.41 -3.52
N VAL D 93 3.87 -47.31 -2.36
CA VAL D 93 3.09 -46.14 -1.97
C VAL D 93 3.92 -45.34 -0.97
N TYR D 94 4.00 -44.02 -1.18
CA TYR D 94 4.85 -43.14 -0.39
C TYR D 94 3.97 -42.23 0.46
N TYR D 95 4.05 -42.39 1.78
CA TYR D 95 3.26 -41.63 2.72
C TYR D 95 4.13 -40.57 3.41
N CYS D 96 3.59 -39.37 3.51
CA CYS D 96 4.16 -38.32 4.36
C CYS D 96 3.28 -38.17 5.59
N ALA D 97 3.93 -37.97 6.74
CA ALA D 97 3.25 -37.86 8.02
C ALA D 97 3.81 -36.68 8.80
N ALA D 98 2.94 -36.06 9.61
CA ALA D 98 3.31 -34.88 10.36
C ALA D 98 2.54 -34.85 11.68
N PRO D 99 3.15 -34.37 12.76
CA PRO D 99 2.42 -34.22 14.02
C PRO D 99 1.48 -33.03 13.99
N TYR D 100 0.55 -33.04 14.94
CA TYR D 100 -0.45 -31.99 15.05
C TYR D 100 0.06 -30.87 15.95
N CYS D 101 -0.07 -29.63 15.47
CA CYS D 101 0.38 -28.45 16.21
C CYS D 101 -0.71 -27.39 16.11
N SER D 102 -1.47 -27.19 17.18
CA SER D 102 -2.51 -26.17 17.22
C SER D 102 -2.04 -24.86 17.85
N GLY D 103 -1.06 -24.93 18.75
CA GLY D 103 -0.47 -23.75 19.35
C GLY D 103 1.04 -23.83 19.27
N GLY D 104 1.69 -23.43 20.36
CA GLY D 104 3.13 -23.58 20.45
C GLY D 104 3.59 -25.01 20.62
N THR D 105 2.71 -25.88 21.10
CA THR D 105 3.04 -27.28 21.34
C THR D 105 2.64 -28.14 20.15
N CYS D 106 3.27 -29.31 20.05
CA CYS D 106 2.96 -30.29 19.03
C CYS D 106 2.75 -31.65 19.70
N LEU D 107 2.35 -32.63 18.89
CA LEU D 107 2.13 -33.98 19.37
C LEU D 107 3.41 -34.80 19.23
N ASP D 108 3.65 -35.67 20.19
CA ASP D 108 4.86 -36.50 20.22
C ASP D 108 4.82 -37.67 19.25
N GLY D 109 3.87 -37.67 18.31
CA GLY D 109 3.78 -38.71 17.31
C GLY D 109 3.23 -38.16 16.02
N PHE D 110 3.28 -39.00 14.99
CA PHE D 110 2.80 -38.62 13.66
C PHE D 110 1.37 -39.12 13.49
N ASP D 111 0.41 -38.30 13.90
CA ASP D 111 -0.99 -38.70 13.80
C ASP D 111 -1.57 -38.40 12.43
N ILE D 112 -1.20 -37.27 11.83
CA ILE D 112 -1.70 -36.89 10.52
C ILE D 112 -0.93 -37.65 9.45
N TRP D 113 -1.66 -38.29 8.53
CA TRP D 113 -1.07 -39.08 7.47
C TRP D 113 -1.73 -38.71 6.14
N GLY D 114 -0.90 -38.61 5.10
CA GLY D 114 -1.41 -38.35 3.77
C GLY D 114 -2.15 -39.55 3.20
N GLN D 115 -2.88 -39.30 2.11
CA GLN D 115 -3.63 -40.37 1.47
C GLN D 115 -2.75 -41.38 0.76
N GLY D 116 -1.47 -41.07 0.56
CA GLY D 116 -0.56 -41.98 -0.09
C GLY D 116 -0.44 -41.75 -1.58
N THR D 117 0.77 -41.81 -2.10
CA THR D 117 1.04 -41.63 -3.52
C THR D 117 1.75 -42.87 -4.04
N MET D 118 1.03 -43.69 -4.81
CA MET D 118 1.60 -44.91 -5.37
C MET D 118 2.40 -44.57 -6.62
N VAL D 119 3.71 -44.82 -6.58
CA VAL D 119 4.60 -44.58 -7.70
C VAL D 119 4.91 -45.92 -8.35
N THR D 120 4.60 -46.03 -9.64
CA THR D 120 4.81 -47.26 -10.40
C THR D 120 5.90 -47.02 -11.44
N VAL D 121 6.87 -47.94 -11.50
CA VAL D 121 7.99 -47.85 -12.42
C VAL D 121 7.95 -49.08 -13.32
N SER D 122 7.70 -48.87 -14.61
CA SER D 122 7.64 -49.96 -15.58
C SER D 122 7.98 -49.40 -16.96
N SER D 123 8.03 -50.29 -17.94
CA SER D 123 8.34 -49.91 -19.30
C SER D 123 7.08 -49.80 -20.16
N GLU E 1 21.59 -50.02 12.83
CA GLU E 1 20.57 -49.20 13.49
C GLU E 1 19.85 -49.99 14.57
N ILE E 2 18.89 -49.35 15.23
CA ILE E 2 18.08 -50.02 16.24
C ILE E 2 17.06 -50.90 15.52
N VAL E 3 17.29 -52.20 15.55
CA VAL E 3 16.40 -53.15 14.88
C VAL E 3 15.21 -53.44 15.78
N LEU E 4 14.01 -53.36 15.22
CA LEU E 4 12.77 -53.65 15.95
C LEU E 4 12.19 -54.95 15.41
N THR E 5 12.18 -55.98 16.26
CA THR E 5 11.63 -57.28 15.90
C THR E 5 10.31 -57.49 16.62
N GLN E 6 9.26 -57.83 15.87
CA GLN E 6 7.93 -58.00 16.41
C GLN E 6 7.59 -59.48 16.55
N SER E 7 6.92 -59.82 17.66
CA SER E 7 6.49 -61.17 17.96
C SER E 7 5.08 -61.09 18.55
N PRO E 8 4.19 -62.02 18.16
CA PRO E 8 4.49 -63.06 17.16
C PRO E 8 4.32 -62.55 15.73
N GLY E 9 4.42 -63.46 14.76
CA GLY E 9 4.25 -63.05 13.38
C GLY E 9 2.81 -62.73 13.04
N THR E 10 1.90 -63.68 13.30
CA THR E 10 0.49 -63.50 13.03
C THR E 10 -0.32 -63.99 14.22
N LEU E 11 -1.59 -63.58 14.26
CA LEU E 11 -2.49 -63.96 15.34
C LEU E 11 -3.89 -64.20 14.77
N SER E 12 -4.68 -64.98 15.50
CA SER E 12 -6.05 -65.28 15.12
C SER E 12 -6.87 -65.45 16.40
N LEU E 13 -7.80 -64.54 16.65
CA LEU E 13 -8.60 -64.59 17.87
C LEU E 13 -10.08 -64.41 17.57
N SER E 14 -10.88 -64.25 18.61
CA SER E 14 -12.32 -64.07 18.51
C SER E 14 -12.74 -62.91 19.39
N PRO E 15 -13.91 -62.31 19.13
CA PRO E 15 -14.40 -61.22 19.98
C PRO E 15 -14.51 -61.66 21.44
N GLY E 16 -13.75 -61.01 22.31
CA GLY E 16 -13.73 -61.32 23.73
C GLY E 16 -12.38 -61.77 24.25
N GLU E 17 -11.40 -62.02 23.38
CA GLU E 17 -10.08 -62.46 23.80
C GLU E 17 -9.13 -61.27 23.80
N ARG E 18 -8.32 -61.16 24.86
CA ARG E 18 -7.36 -60.06 24.99
C ARG E 18 -6.14 -60.37 24.14
N ALA E 19 -5.99 -59.65 23.04
CA ALA E 19 -4.87 -59.84 22.13
C ALA E 19 -3.68 -58.99 22.58
N THR E 20 -2.52 -59.61 22.70
CA THR E 20 -1.31 -58.92 23.15
C THR E 20 -0.21 -59.09 22.10
N LEU E 21 0.39 -57.97 21.70
CA LEU E 21 1.50 -57.97 20.77
C LEU E 21 2.81 -57.73 21.52
N SER E 22 3.93 -57.79 20.80
CA SER E 22 5.21 -57.47 21.40
C SER E 22 6.15 -56.99 20.32
N CYS E 23 6.96 -55.99 20.65
CA CYS E 23 7.93 -55.42 19.72
C CYS E 23 9.19 -55.07 20.51
N ARG E 24 10.23 -55.89 20.37
CA ARG E 24 11.46 -55.72 21.11
C ARG E 24 12.52 -55.06 20.23
N ALA E 25 13.54 -54.51 20.88
CA ALA E 25 14.60 -53.79 20.20
C ALA E 25 15.95 -54.41 20.52
N SER E 26 16.93 -54.15 19.66
CA SER E 26 18.28 -54.62 19.91
C SER E 26 19.00 -53.80 20.99
N GLN E 27 18.57 -52.56 21.20
CA GLN E 27 19.15 -51.70 22.23
C GLN E 27 18.03 -51.00 22.97
N SER E 28 18.39 -50.35 24.08
CA SER E 28 17.40 -49.64 24.88
C SER E 28 16.87 -48.43 24.12
N VAL E 29 15.54 -48.35 24.01
CA VAL E 29 14.86 -47.25 23.32
C VAL E 29 14.08 -46.45 24.35
N SER E 30 14.17 -45.13 24.25
CA SER E 30 13.40 -44.26 25.14
C SER E 30 11.90 -44.51 24.94
N ARG E 31 11.16 -44.54 26.05
CA ARG E 31 9.73 -44.78 25.98
C ARG E 31 9.00 -43.64 25.29
N SER E 32 9.44 -42.41 25.51
CA SER E 32 8.78 -41.25 24.91
C SER E 32 8.85 -41.23 23.36
N TYR E 33 9.32 -42.24 22.62
CA TYR E 33 9.51 -42.10 21.18
C TYR E 33 9.21 -43.40 20.42
N LEU E 34 8.36 -44.27 20.97
CA LEU E 34 8.00 -45.53 20.32
C LEU E 34 6.50 -45.57 20.09
N ALA E 35 6.08 -45.29 18.87
CA ALA E 35 4.67 -45.26 18.54
C ALA E 35 4.21 -46.60 17.99
N TRP E 36 2.93 -46.89 18.24
CA TRP E 36 2.20 -48.02 17.68
C TRP E 36 1.16 -47.50 16.71
N TYR E 37 1.24 -47.93 15.45
CA TYR E 37 0.34 -47.53 14.39
C TYR E 37 -0.51 -48.70 13.94
N GLN E 38 -1.72 -48.39 13.49
CA GLN E 38 -2.65 -49.35 12.90
C GLN E 38 -2.82 -49.05 11.42
N GLN E 39 -2.85 -50.09 10.60
CA GLN E 39 -3.02 -49.95 9.16
C GLN E 39 -4.01 -51.01 8.69
N LYS E 40 -5.21 -50.57 8.32
CA LYS E 40 -6.19 -51.44 7.68
C LYS E 40 -5.94 -51.51 6.18
N PRO E 41 -6.25 -52.64 5.54
CA PRO E 41 -6.01 -52.74 4.09
C PRO E 41 -6.74 -51.69 3.27
N GLY E 42 -5.99 -50.75 2.70
CA GLY E 42 -6.54 -49.71 1.83
C GLY E 42 -6.26 -48.30 2.32
N GLN E 43 -6.14 -48.12 3.63
CA GLN E 43 -5.95 -46.81 4.22
C GLN E 43 -4.49 -46.61 4.65
N ALA E 44 -4.17 -45.37 5.00
CA ALA E 44 -2.86 -45.02 5.51
C ALA E 44 -2.73 -45.48 6.96
N PRO E 45 -1.51 -45.60 7.47
CA PRO E 45 -1.32 -45.96 8.89
C PRO E 45 -2.03 -44.99 9.81
N ARG E 46 -2.64 -45.53 10.86
CA ARG E 46 -3.41 -44.76 11.83
C ARG E 46 -2.71 -44.83 13.18
N LEU E 47 -2.28 -43.68 13.69
CA LEU E 47 -1.54 -43.64 14.94
C LEU E 47 -2.45 -44.05 16.09
N LEU E 48 -2.12 -45.16 16.74
CA LEU E 48 -2.86 -45.60 17.92
C LEU E 48 -2.22 -45.06 19.20
N ILE E 49 -0.97 -45.41 19.44
CA ILE E 49 -0.27 -45.08 20.68
C ILE E 49 0.95 -44.24 20.33
N TYR E 50 1.06 -43.07 20.94
CA TYR E 50 2.26 -42.28 20.74
C TYR E 50 3.06 -42.23 22.04
N SER E 51 4.27 -41.71 21.92
CA SER E 51 5.25 -41.80 23.00
C SER E 51 5.36 -43.26 23.41
N ALA E 52 4.83 -43.57 24.58
CA ALA E 52 4.61 -44.95 24.97
C ALA E 52 3.52 -44.93 26.02
N SER E 53 2.47 -45.72 25.80
CA SER E 53 1.28 -45.75 26.65
C SER E 53 0.63 -44.37 26.72
N SER E 54 0.32 -43.82 25.56
CA SER E 54 -0.39 -42.55 25.48
C SER E 54 -1.23 -42.57 24.21
N ARG E 55 -2.55 -42.62 24.38
CA ARG E 55 -3.45 -42.83 23.24
C ARG E 55 -3.70 -41.52 22.50
N ALA E 56 -3.79 -41.62 21.18
CA ALA E 56 -4.10 -40.46 20.35
C ALA E 56 -5.56 -40.07 20.51
N THR E 57 -5.91 -38.91 19.96
CA THR E 57 -7.28 -38.41 20.02
C THR E 57 -8.15 -39.19 19.06
N GLY E 58 -9.22 -39.80 19.59
CA GLY E 58 -10.15 -40.57 18.80
C GLY E 58 -9.97 -42.08 18.92
N ILE E 59 -8.84 -42.54 19.43
CA ILE E 59 -8.61 -43.98 19.58
C ILE E 59 -9.49 -44.52 20.71
N PRO E 60 -10.19 -45.63 20.52
CA PRO E 60 -10.97 -46.21 21.61
C PRO E 60 -10.08 -46.60 22.78
N ASP E 61 -10.68 -46.63 23.97
CA ASP E 61 -9.95 -46.90 25.20
C ASP E 61 -9.52 -48.36 25.35
N ARG E 62 -9.79 -49.20 24.35
CA ARG E 62 -9.37 -50.60 24.42
C ARG E 62 -7.89 -50.78 24.08
N PHE E 63 -7.35 -49.93 23.22
CA PHE E 63 -5.94 -50.02 22.85
C PHE E 63 -5.07 -49.44 23.96
N SER E 64 -4.08 -50.22 24.40
CA SER E 64 -3.18 -49.75 25.45
C SER E 64 -1.80 -50.33 25.21
N GLY E 65 -0.81 -49.44 25.04
CA GLY E 65 0.57 -49.86 24.99
C GLY E 65 1.22 -49.77 26.35
N SER E 66 2.32 -50.52 26.51
CA SER E 66 3.05 -50.49 27.78
C SER E 66 4.39 -51.18 27.59
N GLY E 67 5.43 -50.64 28.20
CA GLY E 67 6.73 -51.26 28.12
C GLY E 67 7.83 -50.25 28.38
N SER E 68 9.07 -50.75 28.35
CA SER E 68 10.24 -49.93 28.57
C SER E 68 11.46 -50.63 27.98
N GLY E 69 12.56 -49.89 27.95
CA GLY E 69 13.83 -50.42 27.45
C GLY E 69 13.73 -51.07 26.09
N THR E 70 14.00 -52.37 26.06
CA THR E 70 13.96 -53.14 24.82
C THR E 70 12.76 -54.07 24.74
N ASP E 71 11.65 -53.72 25.40
CA ASP E 71 10.46 -54.56 25.36
C ASP E 71 9.22 -53.69 25.51
N PHE E 72 8.34 -53.75 24.51
CA PHE E 72 7.09 -53.02 24.52
C PHE E 72 5.98 -53.94 24.00
N THR E 73 4.77 -53.74 24.51
CA THR E 73 3.63 -54.57 24.16
C THR E 73 2.42 -53.67 23.92
N LEU E 74 1.47 -54.21 23.14
CA LEU E 74 0.20 -53.56 22.86
C LEU E 74 -0.93 -54.55 23.14
N THR E 75 -1.97 -54.08 23.83
CA THR E 75 -3.05 -54.94 24.27
C THR E 75 -4.40 -54.30 23.96
N ILE E 76 -5.36 -55.13 23.57
CA ILE E 76 -6.73 -54.70 23.30
C ILE E 76 -7.67 -55.56 24.13
N SER E 77 -8.68 -54.92 24.73
CA SER E 77 -9.62 -55.63 25.59
C SER E 77 -10.80 -56.21 24.81
N ARG E 78 -11.58 -55.35 24.16
CA ARG E 78 -12.75 -55.77 23.40
C ARG E 78 -12.37 -55.89 21.93
N LEU E 79 -12.56 -57.08 21.36
CA LEU E 79 -12.19 -57.35 19.97
C LEU E 79 -13.41 -57.17 19.09
N GLU E 80 -13.49 -56.01 18.44
CA GLU E 80 -14.50 -55.73 17.42
C GLU E 80 -13.86 -55.72 16.05
N PRO E 81 -14.64 -55.92 14.98
CA PRO E 81 -14.07 -55.95 13.62
C PRO E 81 -13.29 -54.70 13.24
N GLU E 82 -13.44 -53.60 13.98
CA GLU E 82 -12.62 -52.42 13.73
C GLU E 82 -11.14 -52.68 14.01
N ASP E 83 -10.82 -53.65 14.86
CA ASP E 83 -9.45 -53.96 15.25
C ASP E 83 -8.78 -54.94 14.30
N PHE E 84 -9.37 -55.23 13.16
CA PHE E 84 -8.78 -56.14 12.17
C PHE E 84 -7.90 -55.31 11.24
N ALA E 85 -6.59 -55.39 11.45
CA ALA E 85 -5.61 -54.62 10.67
C ALA E 85 -4.23 -55.15 10.99
N VAL E 86 -3.20 -54.48 10.46
CA VAL E 86 -1.81 -54.76 10.79
C VAL E 86 -1.34 -53.68 11.75
N TYR E 87 -0.40 -54.04 12.62
CA TYR E 87 0.09 -53.12 13.64
C TYR E 87 1.60 -53.03 13.57
N TYR E 88 2.11 -51.79 13.65
CA TYR E 88 3.53 -51.52 13.48
C TYR E 88 4.06 -50.71 14.65
N CYS E 89 5.30 -50.98 15.04
CA CYS E 89 6.00 -50.20 16.04
C CYS E 89 7.11 -49.41 15.36
N GLN E 90 7.20 -48.12 15.69
CA GLN E 90 8.22 -47.24 15.11
C GLN E 90 8.90 -46.47 16.23
N GLN E 91 10.22 -46.59 16.31
CA GLN E 91 11.01 -45.75 17.20
C GLN E 91 11.55 -44.57 16.41
N TYR E 92 11.52 -43.38 17.02
CA TYR E 92 12.01 -42.16 16.39
C TYR E 92 12.89 -41.40 17.37
N GLY E 93 13.94 -42.07 17.85
CA GLY E 93 14.89 -41.45 18.75
C GLY E 93 16.32 -41.61 18.29
N SER E 94 16.58 -42.63 17.48
CA SER E 94 17.92 -42.90 16.97
C SER E 94 18.16 -42.06 15.72
N SER E 95 19.29 -42.29 15.05
CA SER E 95 19.57 -41.53 13.83
C SER E 95 18.70 -42.00 12.67
N PRO E 96 18.57 -43.32 12.37
CA PRO E 96 17.56 -43.74 11.40
C PRO E 96 16.35 -44.37 12.07
N TRP E 97 15.16 -43.86 11.77
CA TRP E 97 13.94 -44.35 12.41
C TRP E 97 13.52 -45.67 11.78
N THR E 98 13.30 -46.67 12.62
CA THR E 98 13.02 -48.03 12.17
C THR E 98 11.59 -48.42 12.50
N PHE E 99 10.97 -49.19 11.61
CA PHE E 99 9.66 -49.78 11.83
C PHE E 99 9.79 -51.26 12.14
N GLY E 100 8.66 -51.89 12.46
CA GLY E 100 8.60 -53.32 12.61
C GLY E 100 8.19 -54.01 11.33
N GLN E 101 8.37 -55.33 11.30
CA GLN E 101 8.02 -56.10 10.12
C GLN E 101 6.52 -56.30 9.96
N GLY E 102 5.73 -55.92 10.96
CA GLY E 102 4.28 -56.09 10.87
C GLY E 102 3.77 -57.31 11.59
N THR E 103 2.64 -57.16 12.28
CA THR E 103 1.99 -58.26 13.00
C THR E 103 0.55 -58.34 12.49
N LYS E 104 0.33 -59.15 11.46
CA LYS E 104 -1.00 -59.31 10.90
C LYS E 104 -1.93 -60.01 11.89
N VAL E 105 -3.07 -59.39 12.18
CA VAL E 105 -4.03 -59.96 13.11
C VAL E 105 -5.29 -60.36 12.35
N GLU E 106 -5.33 -61.62 11.91
CA GLU E 106 -6.47 -62.14 11.16
C GLU E 106 -7.53 -62.60 12.15
N ILE E 107 -8.41 -61.67 12.51
CA ILE E 107 -9.44 -61.94 13.52
C ILE E 107 -10.58 -62.72 12.87
N LYS E 108 -11.00 -63.79 13.54
CA LYS E 108 -12.15 -64.58 13.08
C LYS E 108 -13.19 -64.69 14.18
C1 NAG F . 34.25 6.28 12.36
C2 NAG F . 35.79 6.28 12.38
C3 NAG F . 36.29 6.98 13.63
C4 NAG F . 35.66 8.37 13.77
C5 NAG F . 34.15 8.28 13.68
C6 NAG F . 33.46 9.63 13.68
C7 NAG F . 36.85 4.42 11.18
C8 NAG F . 37.35 3.01 11.28
N2 NAG F . 36.31 4.93 12.30
O3 NAG F . 37.71 7.09 13.59
O4 NAG F . 36.03 8.96 15.01
O5 NAG F . 33.76 7.62 12.46
O6 NAG F . 33.68 10.31 12.45
O7 NAG F . 36.91 5.07 10.14
S SO4 G . 13.12 -43.15 29.30
O1 SO4 G . 14.56 -43.30 29.47
O2 SO4 G . 12.54 -44.47 29.04
O3 SO4 G . 12.54 -42.59 30.51
O4 SO4 G . 12.84 -42.26 28.18
#